data_3ERW
#
_entry.id   3ERW
#
_cell.length_a   133.717
_cell.length_b   133.717
_cell.length_c   64.820
_cell.angle_alpha   90.00
_cell.angle_beta   90.00
_cell.angle_gamma   120.00
#
_symmetry.space_group_name_H-M   'P 31'
#
loop_
_entity.id
_entity.type
_entity.pdbx_description
1 polymer 'Sporulation thiol-disulfide oxidoreductase A'
2 water water
#
_entity_poly.entity_id   1
_entity_poly.type   'polypeptide(L)'
_entity_poly.pdbx_seq_one_letter_code
;GSGAAQAEEKQPAVPAVFL(MSE)KTIEGEDISIPNKGQKTILHFWTSWCPPCKKELPQFQSFYDAHPSDSVKLVTVNLV
NSEQNQQVVEDFIKANKLTFPIVLDSKGEL(MSE)KEYHIITIPTSFLLNEKGEIEKTKIGP(MSE)TAEQLKEWTE
;
_entity_poly.pdbx_strand_id   A,B,C,D,E,F,G
#
# COMPACT_ATOMS: atom_id res chain seq x y z
N PRO A 12 -20.08 -34.00 -9.23
CA PRO A 12 -20.32 -32.55 -9.28
C PRO A 12 -21.76 -32.20 -8.91
N ALA A 13 -21.93 -31.13 -8.14
CA ALA A 13 -23.24 -30.76 -7.60
C ALA A 13 -24.35 -30.81 -8.67
N VAL A 14 -24.12 -30.09 -9.76
CA VAL A 14 -25.14 -29.93 -10.79
C VAL A 14 -24.56 -30.33 -12.15
N PRO A 15 -25.41 -30.88 -13.04
CA PRO A 15 -24.88 -31.08 -14.39
C PRO A 15 -24.84 -29.72 -15.09
N ALA A 16 -23.64 -29.25 -15.41
CA ALA A 16 -23.46 -27.92 -15.98
C ALA A 16 -22.05 -27.79 -16.53
N VAL A 17 -21.90 -27.09 -17.64
CA VAL A 17 -20.58 -26.79 -18.16
C VAL A 17 -20.29 -25.32 -17.94
N PHE A 18 -19.00 -25.02 -17.82
CA PHE A 18 -18.53 -23.69 -17.47
C PHE A 18 -17.86 -23.05 -18.67
N LEU A 19 -18.24 -21.80 -18.92
CA LEU A 19 -17.70 -21.03 -20.04
C LEU A 19 -16.92 -19.87 -19.46
N LYS A 21 -13.23 -17.32 -19.39
CA LYS A 21 -12.06 -16.77 -20.06
C LYS A 21 -10.84 -16.97 -19.16
N THR A 22 -9.83 -17.60 -19.74
CA THR A 22 -8.56 -17.85 -19.08
C THR A 22 -7.87 -16.52 -18.71
N ILE A 23 -6.93 -16.57 -17.77
CA ILE A 23 -6.17 -15.40 -17.36
C ILE A 23 -5.38 -14.84 -18.56
N GLU A 24 -4.99 -15.75 -19.45
CA GLU A 24 -4.23 -15.39 -20.64
C GLU A 24 -5.18 -15.02 -21.78
N GLY A 25 -6.46 -14.84 -21.44
CA GLY A 25 -7.46 -14.36 -22.40
C GLY A 25 -8.20 -15.42 -23.18
N GLU A 26 -7.69 -16.64 -23.21
CA GLU A 26 -8.28 -17.74 -23.98
C GLU A 26 -9.68 -18.11 -23.47
N ASP A 27 -10.55 -18.52 -24.40
CA ASP A 27 -11.89 -18.98 -24.05
C ASP A 27 -11.89 -20.47 -23.79
N ILE A 28 -12.25 -20.83 -22.56
CA ILE A 28 -12.18 -22.18 -22.03
C ILE A 28 -13.56 -22.71 -21.66
N SER A 29 -13.75 -24.02 -21.71
CA SER A 29 -14.93 -24.62 -21.12
C SER A 29 -14.53 -25.76 -20.18
N ILE A 30 -15.45 -26.14 -19.29
CA ILE A 30 -15.22 -27.26 -18.38
C ILE A 30 -16.52 -28.04 -18.20
N PRO A 31 -16.59 -29.26 -18.78
CA PRO A 31 -15.56 -30.01 -19.50
C PRO A 31 -15.37 -29.46 -20.91
N ASN A 32 -14.34 -29.95 -21.61
N ASN A 32 -14.33 -29.95 -21.60
CA ASN A 32 -14.08 -29.49 -22.96
CA ASN A 32 -14.08 -29.51 -22.97
C ASN A 32 -14.81 -30.28 -24.04
C ASN A 32 -14.87 -30.28 -24.01
N LYS A 33 -15.37 -29.54 -24.99
CA LYS A 33 -16.07 -30.11 -26.12
C LYS A 33 -15.30 -31.29 -26.73
N GLY A 34 -15.95 -32.45 -26.78
CA GLY A 34 -15.35 -33.65 -27.35
C GLY A 34 -13.90 -33.84 -26.97
N GLN A 35 -13.61 -33.74 -25.67
CA GLN A 35 -12.24 -33.88 -25.21
C GLN A 35 -12.21 -34.07 -23.70
N LYS A 36 -11.19 -34.78 -23.23
CA LYS A 36 -11.03 -35.06 -21.80
C LYS A 36 -10.37 -33.88 -21.10
N THR A 37 -10.65 -33.69 -19.82
CA THR A 37 -10.18 -32.53 -19.08
C THR A 37 -9.48 -32.87 -17.76
N ILE A 38 -8.30 -32.29 -17.55
CA ILE A 38 -7.68 -32.31 -16.23
C ILE A 38 -7.92 -30.97 -15.53
N LEU A 39 -8.71 -31.02 -14.46
CA LEU A 39 -9.10 -29.84 -13.70
C LEU A 39 -8.29 -29.78 -12.38
N HIS A 40 -7.60 -28.67 -12.16
CA HIS A 40 -6.74 -28.51 -10.99
C HIS A 40 -7.09 -27.27 -10.17
N PHE A 41 -7.20 -27.45 -8.85
CA PHE A 41 -7.55 -26.37 -7.94
C PHE A 41 -6.38 -25.97 -7.01
N TRP A 42 -6.14 -24.67 -6.88
CA TRP A 42 -5.00 -24.19 -6.11
C TRP A 42 -5.10 -22.72 -5.64
N THR A 43 -4.17 -22.35 -4.77
CA THR A 43 -3.92 -20.95 -4.42
C THR A 43 -2.40 -20.75 -4.41
N SER A 44 -1.97 -19.50 -4.43
CA SER A 44 -0.55 -19.17 -4.51
C SER A 44 0.18 -19.40 -3.19
N TRP A 45 -0.53 -19.24 -2.08
CA TRP A 45 0.08 -19.33 -0.76
C TRP A 45 0.07 -20.74 -0.22
N CYS A 46 -0.79 -21.59 -0.77
N CYS A 46 -0.78 -21.59 -0.77
CA CYS A 46 -0.87 -22.99 -0.38
CA CYS A 46 -0.87 -22.98 -0.34
C CYS A 46 0.50 -23.65 -0.57
C CYS A 46 0.48 -23.65 -0.55
N PRO A 47 1.13 -24.07 0.55
CA PRO A 47 2.47 -24.68 0.46
C PRO A 47 2.57 -25.88 -0.51
N PRO A 48 1.66 -26.87 -0.40
CA PRO A 48 1.72 -28.00 -1.35
C PRO A 48 1.43 -27.64 -2.81
N CYS A 49 0.59 -26.64 -3.04
N CYS A 49 0.57 -26.65 -3.04
CA CYS A 49 0.28 -26.17 -4.39
CA CYS A 49 0.28 -26.16 -4.38
C CYS A 49 1.48 -25.47 -4.99
C CYS A 49 1.51 -25.50 -4.98
N LYS A 50 2.10 -24.60 -4.20
CA LYS A 50 3.26 -23.84 -4.60
C LYS A 50 4.38 -24.71 -5.18
N LYS A 51 4.74 -25.78 -4.49
CA LYS A 51 5.80 -26.65 -5.00
C LYS A 51 5.32 -27.64 -6.07
N GLU A 52 4.00 -27.73 -6.24
CA GLU A 52 3.41 -28.59 -7.25
C GLU A 52 3.17 -27.88 -8.58
N LEU A 53 3.10 -26.54 -8.56
CA LEU A 53 2.87 -25.76 -9.77
C LEU A 53 3.89 -25.98 -10.90
N PRO A 54 5.17 -26.15 -10.54
CA PRO A 54 6.20 -26.44 -11.54
C PRO A 54 5.95 -27.79 -12.24
N GLN A 55 5.28 -28.68 -11.51
CA GLN A 55 4.89 -29.99 -12.00
C GLN A 55 3.87 -29.86 -13.14
N PHE A 56 2.93 -28.93 -12.97
CA PHE A 56 1.92 -28.66 -13.99
C PHE A 56 2.48 -27.88 -15.17
N GLN A 57 3.44 -27.00 -14.91
CA GLN A 57 4.15 -26.29 -15.97
C GLN A 57 4.96 -27.26 -16.83
N SER A 58 5.74 -28.13 -16.18
CA SER A 58 6.49 -29.17 -16.87
C SER A 58 5.62 -30.08 -17.75
N PHE A 59 4.56 -30.64 -17.15
CA PHE A 59 3.58 -31.45 -17.88
C PHE A 59 2.97 -30.72 -19.08
N TYR A 60 2.55 -29.48 -18.85
CA TYR A 60 1.98 -28.64 -19.92
C TYR A 60 2.96 -28.38 -21.06
N ASP A 61 4.23 -28.14 -20.70
CA ASP A 61 5.27 -27.85 -21.67
C ASP A 61 5.57 -29.08 -22.54
N ALA A 62 5.54 -30.25 -21.91
CA ALA A 62 5.82 -31.52 -22.61
C ALA A 62 4.67 -31.94 -23.52
N HIS A 63 3.46 -31.44 -23.24
CA HIS A 63 2.27 -31.71 -24.05
C HIS A 63 2.12 -33.18 -24.48
N PRO A 64 1.93 -34.08 -23.50
CA PRO A 64 1.79 -35.51 -23.81
C PRO A 64 0.59 -35.83 -24.70
N SER A 65 -0.55 -35.21 -24.46
CA SER A 65 -1.77 -35.56 -25.19
C SER A 65 -2.46 -34.40 -25.91
N ASP A 66 -3.11 -34.74 -27.02
CA ASP A 66 -3.93 -33.78 -27.77
C ASP A 66 -5.39 -33.97 -27.43
N SER A 67 -5.70 -35.12 -26.83
CA SER A 67 -7.08 -35.47 -26.49
C SER A 67 -7.39 -35.18 -25.03
N VAL A 68 -6.45 -34.54 -24.34
CA VAL A 68 -6.67 -34.14 -22.94
C VAL A 68 -6.35 -32.66 -22.73
N LYS A 69 -7.29 -31.95 -22.11
CA LYS A 69 -7.14 -30.52 -21.92
C LYS A 69 -6.89 -30.19 -20.44
N LEU A 70 -5.80 -29.48 -20.17
CA LEU A 70 -5.52 -29.01 -18.82
C LEU A 70 -6.16 -27.65 -18.55
N VAL A 71 -7.12 -27.61 -17.63
CA VAL A 71 -7.58 -26.34 -17.09
C VAL A 71 -7.41 -26.24 -15.59
N THR A 72 -6.90 -25.09 -15.17
CA THR A 72 -6.43 -24.84 -13.83
C THR A 72 -7.26 -23.72 -13.18
N VAL A 73 -7.68 -23.95 -11.94
CA VAL A 73 -8.55 -23.00 -11.26
C VAL A 73 -7.92 -22.37 -10.02
N ASN A 74 -7.68 -21.07 -10.08
CA ASN A 74 -7.21 -20.36 -8.89
C ASN A 74 -8.40 -19.98 -8.03
N LEU A 75 -8.31 -20.27 -6.74
CA LEU A 75 -9.35 -19.89 -5.80
C LEU A 75 -9.07 -18.48 -5.33
N VAL A 76 -9.44 -17.51 -6.17
CA VAL A 76 -9.02 -16.13 -5.98
C VAL A 76 -9.59 -15.51 -4.70
N ASN A 77 -10.78 -15.94 -4.31
CA ASN A 77 -11.44 -15.40 -3.11
C ASN A 77 -10.77 -15.92 -1.84
N SER A 78 -9.82 -16.83 -2.00
CA SER A 78 -8.98 -17.28 -0.88
C SER A 78 -7.60 -16.63 -0.98
N GLU A 79 -7.51 -15.59 -1.80
CA GLU A 79 -6.26 -14.89 -2.00
C GLU A 79 -6.36 -13.50 -1.39
N GLN A 80 -5.23 -12.85 -1.18
CA GLN A 80 -5.21 -11.45 -0.79
C GLN A 80 -6.15 -10.65 -1.70
N ASN A 81 -5.88 -10.70 -2.98
CA ASN A 81 -6.73 -10.09 -3.99
C ASN A 81 -6.35 -10.67 -5.34
N GLN A 82 -6.96 -10.17 -6.41
CA GLN A 82 -6.69 -10.66 -7.76
C GLN A 82 -5.33 -10.21 -8.31
N GLN A 83 -4.92 -9.01 -7.97
CA GLN A 83 -3.64 -8.49 -8.48
C GLN A 83 -2.49 -9.35 -7.98
N VAL A 84 -2.59 -9.80 -6.73
CA VAL A 84 -1.58 -10.66 -6.12
C VAL A 84 -1.40 -11.95 -6.91
N VAL A 85 -2.52 -12.54 -7.33
CA VAL A 85 -2.48 -13.73 -8.18
C VAL A 85 -1.83 -13.40 -9.52
N GLU A 86 -2.31 -12.35 -10.17
CA GLU A 86 -1.69 -11.83 -11.38
C GLU A 86 -0.17 -11.78 -11.26
N ASP A 87 0.32 -11.12 -10.22
CA ASP A 87 1.76 -10.96 -10.01
C ASP A 87 2.44 -12.30 -9.85
N PHE A 88 1.83 -13.18 -9.05
CA PHE A 88 2.33 -14.52 -8.80
C PHE A 88 2.50 -15.32 -10.09
N ILE A 89 1.45 -15.33 -10.91
CA ILE A 89 1.47 -16.05 -12.19
C ILE A 89 2.58 -15.50 -13.06
N LYS A 90 2.63 -14.18 -13.17
CA LYS A 90 3.65 -13.49 -13.96
C LYS A 90 5.05 -13.80 -13.45
N ALA A 91 5.29 -13.60 -12.15
CA ALA A 91 6.61 -13.84 -11.54
C ALA A 91 7.10 -15.30 -11.65
N ASN A 92 6.18 -16.26 -11.53
CA ASN A 92 6.56 -17.66 -11.62
C ASN A 92 6.47 -18.23 -13.03
N LYS A 93 6.21 -17.35 -13.99
CA LYS A 93 6.12 -17.70 -15.40
C LYS A 93 5.22 -18.90 -15.66
N LEU A 94 4.07 -18.90 -15.02
CA LEU A 94 3.04 -19.92 -15.20
C LEU A 94 2.29 -19.69 -16.51
N THR A 95 2.33 -20.68 -17.39
CA THR A 95 1.85 -20.53 -18.77
C THR A 95 0.63 -21.42 -19.12
N PHE A 96 0.34 -22.40 -18.28
CA PHE A 96 -0.84 -23.25 -18.50
C PHE A 96 -2.13 -22.45 -18.27
N PRO A 97 -3.28 -22.97 -18.73
CA PRO A 97 -4.55 -22.23 -18.58
C PRO A 97 -4.94 -22.01 -17.11
N ILE A 98 -5.14 -20.75 -16.74
CA ILE A 98 -5.57 -20.43 -15.38
C ILE A 98 -6.90 -19.68 -15.39
N VAL A 99 -7.85 -20.22 -14.65
CA VAL A 99 -9.15 -19.62 -14.48
C VAL A 99 -9.30 -19.17 -13.03
N LEU A 100 -9.83 -17.98 -12.84
CA LEU A 100 -10.12 -17.44 -11.51
C LEU A 100 -11.54 -17.77 -11.10
N ASP A 101 -11.70 -18.42 -9.96
CA ASP A 101 -13.02 -18.76 -9.45
C ASP A 101 -13.67 -17.59 -8.70
N SER A 102 -13.96 -16.51 -9.42
CA SER A 102 -14.41 -15.25 -8.83
C SER A 102 -15.76 -15.34 -8.14
N LYS A 103 -16.67 -16.12 -8.71
CA LYS A 103 -18.02 -16.27 -8.17
C LYS A 103 -18.15 -17.48 -7.25
N GLY A 104 -17.12 -18.32 -7.24
CA GLY A 104 -17.08 -19.44 -6.31
C GLY A 104 -17.95 -20.60 -6.74
N GLU A 105 -18.35 -20.61 -8.00
CA GLU A 105 -19.18 -21.68 -8.54
C GLU A 105 -18.42 -22.98 -8.77
N LEU A 106 -17.17 -22.87 -9.24
CA LEU A 106 -16.31 -24.04 -9.44
C LEU A 106 -16.03 -24.80 -8.12
N LYS A 108 -17.78 -24.63 -5.53
CA LYS A 108 -19.08 -25.11 -5.08
C LYS A 108 -19.50 -26.38 -5.82
N GLU A 109 -19.38 -26.34 -7.14
CA GLU A 109 -19.80 -27.44 -8.02
C GLU A 109 -18.98 -28.72 -7.83
N TYR A 110 -17.70 -28.57 -7.49
CA TYR A 110 -16.82 -29.72 -7.30
C TYR A 110 -16.56 -30.02 -5.83
N HIS A 111 -17.32 -29.36 -4.95
CA HIS A 111 -17.25 -29.58 -3.51
C HIS A 111 -15.81 -29.53 -2.98
N ILE A 112 -15.09 -28.48 -3.36
CA ILE A 112 -13.68 -28.36 -3.00
C ILE A 112 -13.51 -27.88 -1.56
N ILE A 113 -12.89 -28.73 -0.74
CA ILE A 113 -12.61 -28.41 0.64
C ILE A 113 -11.11 -28.47 0.88
N THR A 114 -10.41 -29.14 -0.02
CA THR A 114 -8.98 -29.37 0.13
C THR A 114 -8.25 -28.92 -1.12
N ILE A 115 -7.06 -28.37 -0.94
CA ILE A 115 -6.19 -28.07 -2.08
C ILE A 115 -4.77 -28.51 -1.75
N PRO A 116 -4.04 -29.03 -2.75
CA PRO A 116 -4.47 -29.17 -4.16
C PRO A 116 -5.47 -30.30 -4.36
N THR A 117 -6.35 -30.14 -5.34
CA THR A 117 -7.24 -31.21 -5.77
C THR A 117 -7.27 -31.23 -7.30
N SER A 118 -7.17 -32.42 -7.87
CA SER A 118 -7.20 -32.59 -9.32
C SER A 118 -8.20 -33.66 -9.73
N PHE A 119 -8.88 -33.43 -10.85
CA PHE A 119 -9.84 -34.38 -11.39
C PHE A 119 -9.49 -34.71 -12.82
N LEU A 120 -9.84 -35.93 -13.23
CA LEU A 120 -9.84 -36.32 -14.64
C LEU A 120 -11.32 -36.44 -15.05
N LEU A 121 -11.76 -35.59 -15.97
CA LEU A 121 -13.13 -35.63 -16.43
C LEU A 121 -13.17 -36.18 -17.85
N ASN A 122 -14.22 -36.94 -18.18
CA ASN A 122 -14.43 -37.32 -19.57
C ASN A 122 -15.20 -36.23 -20.30
N GLU A 123 -15.53 -36.47 -21.57
CA GLU A 123 -16.19 -35.46 -22.40
C GLU A 123 -17.55 -35.08 -21.88
N LYS A 124 -18.09 -35.90 -20.99
CA LYS A 124 -19.43 -35.67 -20.46
C LYS A 124 -19.39 -34.99 -19.11
N GLY A 125 -18.18 -34.67 -18.64
CA GLY A 125 -18.02 -33.99 -17.36
C GLY A 125 -18.09 -34.89 -16.16
N GLU A 126 -18.09 -36.19 -16.42
CA GLU A 126 -18.07 -37.18 -15.34
C GLU A 126 -16.65 -37.33 -14.79
N ILE A 127 -16.55 -37.51 -13.48
CA ILE A 127 -15.26 -37.65 -12.82
C ILE A 127 -14.74 -39.06 -12.87
N GLU A 128 -13.64 -39.26 -13.60
CA GLU A 128 -12.97 -40.56 -13.71
C GLU A 128 -11.93 -40.76 -12.60
N LYS A 129 -11.15 -39.72 -12.32
CA LYS A 129 -10.14 -39.77 -11.28
C LYS A 129 -10.24 -38.53 -10.40
N THR A 130 -9.98 -38.70 -9.11
CA THR A 130 -9.89 -37.61 -8.15
C THR A 130 -8.59 -37.76 -7.38
N LYS A 131 -7.82 -36.68 -7.28
CA LYS A 131 -6.56 -36.71 -6.56
C LYS A 131 -6.53 -35.56 -5.58
N ILE A 132 -6.51 -35.88 -4.28
CA ILE A 132 -6.34 -34.87 -3.24
C ILE A 132 -4.90 -34.87 -2.75
N GLY A 133 -4.23 -33.72 -2.87
CA GLY A 133 -2.82 -33.62 -2.58
C GLY A 133 -2.01 -33.52 -3.85
N PRO A 134 -0.70 -33.25 -3.72
CA PRO A 134 0.22 -32.97 -4.84
C PRO A 134 0.35 -34.12 -5.82
N THR A 136 2.64 -35.39 -9.61
CA THR A 136 3.85 -35.19 -10.40
C THR A 136 3.49 -35.06 -11.86
N ALA A 137 4.40 -34.49 -12.64
CA ALA A 137 4.24 -34.40 -14.08
C ALA A 137 4.03 -35.79 -14.68
N GLU A 138 4.57 -36.80 -14.00
CA GLU A 138 4.50 -38.18 -14.47
C GLU A 138 3.11 -38.81 -14.25
N GLN A 139 2.52 -38.51 -13.09
CA GLN A 139 1.16 -38.95 -12.78
C GLN A 139 0.15 -38.24 -13.66
N LEU A 140 0.42 -36.98 -14.00
CA LEU A 140 -0.39 -36.23 -14.94
C LEU A 140 -0.33 -36.84 -16.34
N LYS A 141 0.86 -37.26 -16.75
CA LYS A 141 1.04 -37.91 -18.02
C LYS A 141 0.29 -39.25 -18.05
N GLU A 142 0.34 -39.99 -16.94
CA GLU A 142 -0.36 -41.25 -16.86
C GLU A 142 -1.87 -41.06 -17.02
N TRP A 143 -2.38 -39.97 -16.44
CA TRP A 143 -3.80 -39.66 -16.53
C TRP A 143 -4.18 -39.43 -17.97
N THR A 144 -3.16 -39.10 -18.76
CA THR A 144 -3.30 -38.85 -20.18
C THR A 144 -3.39 -40.14 -21.01
N GLU A 145 -2.75 -41.20 -20.51
CA GLU A 145 -2.64 -42.46 -21.23
C GLU A 145 -3.93 -43.28 -21.18
N PRO B 12 -29.07 -8.20 -14.26
CA PRO B 12 -28.51 -7.95 -15.60
C PRO B 12 -27.62 -6.70 -15.63
N ALA B 13 -26.52 -6.76 -16.37
CA ALA B 13 -25.51 -5.72 -16.33
C ALA B 13 -26.11 -4.32 -16.50
N VAL B 14 -26.88 -4.16 -17.58
CA VAL B 14 -27.42 -2.86 -17.95
C VAL B 14 -28.94 -2.95 -18.10
N PRO B 15 -29.65 -1.88 -17.79
CA PRO B 15 -31.08 -1.93 -18.13
C PRO B 15 -31.24 -1.72 -19.65
N ALA B 16 -31.72 -2.74 -20.34
CA ALA B 16 -31.77 -2.72 -21.78
C ALA B 16 -32.63 -3.86 -22.29
N VAL B 17 -33.42 -3.61 -23.33
CA VAL B 17 -34.15 -4.69 -23.97
C VAL B 17 -33.52 -5.05 -25.31
N PHE B 18 -33.68 -6.30 -25.70
CA PHE B 18 -33.04 -6.83 -26.88
C PHE B 18 -34.06 -7.09 -27.97
N LEU B 19 -33.74 -6.61 -29.17
CA LEU B 19 -34.60 -6.78 -30.34
C LEU B 19 -33.90 -7.70 -31.31
N LYS B 21 -34.02 -11.21 -34.12
CA LYS B 21 -34.77 -12.07 -35.02
C LYS B 21 -34.45 -13.53 -34.70
N THR B 22 -35.49 -14.29 -34.45
CA THR B 22 -35.39 -15.71 -34.16
C THR B 22 -34.79 -16.46 -35.35
N ILE B 23 -34.25 -17.65 -35.09
CA ILE B 23 -33.69 -18.49 -36.13
C ILE B 23 -34.79 -18.87 -37.15
N GLU B 24 -36.02 -18.96 -36.66
CA GLU B 24 -37.18 -19.26 -37.49
C GLU B 24 -37.74 -17.98 -38.10
N GLY B 25 -37.00 -16.89 -37.99
CA GLY B 25 -37.37 -15.64 -38.64
C GLY B 25 -38.23 -14.67 -37.84
N GLU B 26 -38.84 -15.16 -36.76
CA GLU B 26 -39.73 -14.35 -35.91
C GLU B 26 -39.01 -13.20 -35.20
N ASP B 27 -39.70 -12.08 -35.04
CA ASP B 27 -39.15 -10.93 -34.34
C ASP B 27 -39.44 -11.02 -32.86
N ILE B 28 -38.37 -11.10 -32.08
CA ILE B 28 -38.42 -11.34 -30.64
C ILE B 28 -37.88 -10.15 -29.86
N SER B 29 -38.33 -9.99 -28.62
CA SER B 29 -37.69 -9.05 -27.70
C SER B 29 -37.40 -9.75 -26.38
N ILE B 30 -36.49 -9.19 -25.60
CA ILE B 30 -36.15 -9.72 -24.28
C ILE B 30 -35.89 -8.56 -23.31
N PRO B 31 -36.82 -8.30 -22.37
CA PRO B 31 -38.05 -9.05 -22.05
C PRO B 31 -39.14 -8.76 -23.07
N ASN B 32 -40.24 -9.49 -22.97
N ASN B 32 -40.25 -9.49 -22.96
CA ASN B 32 -41.34 -9.29 -23.91
CA ASN B 32 -41.35 -9.29 -23.88
C ASN B 32 -42.35 -8.25 -23.44
C ASN B 32 -42.30 -8.21 -23.42
N LYS B 33 -42.77 -7.41 -24.38
CA LYS B 33 -43.74 -6.37 -24.14
C LYS B 33 -44.93 -6.90 -23.34
N GLY B 34 -45.20 -6.26 -22.21
CA GLY B 34 -46.32 -6.66 -21.36
C GLY B 34 -46.49 -8.16 -21.25
N GLN B 35 -45.40 -8.85 -20.94
CA GLN B 35 -45.45 -10.30 -20.84
C GLN B 35 -44.20 -10.83 -20.13
N LYS B 36 -44.36 -11.96 -19.45
CA LYS B 36 -43.26 -12.58 -18.70
C LYS B 36 -42.41 -13.44 -19.65
N THR B 37 -41.12 -13.56 -19.35
CA THR B 37 -40.20 -14.28 -20.23
C THR B 37 -39.38 -15.38 -19.55
N ILE B 38 -39.35 -16.56 -20.16
CA ILE B 38 -38.39 -17.58 -19.78
C ILE B 38 -37.20 -17.58 -20.75
N LEU B 39 -36.04 -17.21 -20.23
CA LEU B 39 -34.82 -17.09 -21.03
C LEU B 39 -33.89 -18.28 -20.75
N HIS B 40 -33.48 -18.97 -21.81
CA HIS B 40 -32.67 -20.16 -21.66
C HIS B 40 -31.39 -20.11 -22.51
N PHE B 41 -30.27 -20.46 -21.88
CA PHE B 41 -28.96 -20.40 -22.53
C PHE B 41 -28.37 -21.80 -22.72
N TRP B 42 -27.85 -22.07 -23.91
CA TRP B 42 -27.34 -23.39 -24.25
C TRP B 42 -26.37 -23.44 -25.43
N THR B 43 -25.72 -24.59 -25.60
CA THR B 43 -25.00 -24.94 -26.80
C THR B 43 -25.38 -26.36 -27.17
N SER B 44 -25.11 -26.74 -28.42
CA SER B 44 -25.47 -28.06 -28.92
C SER B 44 -24.63 -29.19 -28.35
N TRP B 45 -23.38 -28.90 -28.02
CA TRP B 45 -22.43 -29.92 -27.57
C TRP B 45 -22.47 -30.10 -26.07
N CYS B 46 -22.97 -29.10 -25.36
N CYS B 46 -22.96 -29.10 -25.36
CA CYS B 46 -23.11 -29.18 -23.92
CA CYS B 46 -23.06 -29.18 -23.91
C CYS B 46 -23.95 -30.40 -23.55
C CYS B 46 -23.92 -30.39 -23.54
N PRO B 47 -23.33 -31.37 -22.85
CA PRO B 47 -24.03 -32.61 -22.48
C PRO B 47 -25.34 -32.40 -21.69
N PRO B 48 -25.34 -31.57 -20.64
CA PRO B 48 -26.61 -31.33 -19.91
C PRO B 48 -27.67 -30.58 -20.72
N CYS B 49 -27.24 -29.69 -21.61
N CYS B 49 -27.24 -29.67 -21.59
CA CYS B 49 -28.15 -28.94 -22.48
CA CYS B 49 -28.15 -28.95 -22.48
C CYS B 49 -28.80 -29.88 -23.48
C CYS B 49 -28.81 -29.92 -23.45
N LYS B 50 -27.98 -30.72 -24.10
CA LYS B 50 -28.42 -31.67 -25.10
C LYS B 50 -29.58 -32.55 -24.63
N LYS B 51 -29.46 -33.12 -23.44
CA LYS B 51 -30.54 -33.96 -22.93
C LYS B 51 -31.69 -33.15 -22.33
N GLU B 52 -31.47 -31.85 -22.16
CA GLU B 52 -32.49 -30.97 -21.59
C GLU B 52 -33.35 -30.33 -22.69
N LEU B 53 -32.82 -30.27 -23.90
CA LEU B 53 -33.51 -29.62 -25.01
C LEU B 53 -34.89 -30.22 -25.32
N PRO B 54 -35.04 -31.54 -25.21
CA PRO B 54 -36.35 -32.17 -25.42
C PRO B 54 -37.37 -31.70 -24.37
N GLN B 55 -36.86 -31.32 -23.20
CA GLN B 55 -37.66 -30.82 -22.10
C GLN B 55 -38.29 -29.47 -22.46
N PHE B 56 -37.52 -28.63 -23.15
CA PHE B 56 -38.02 -27.35 -23.64
C PHE B 56 -38.96 -27.49 -24.84
N GLN B 57 -38.70 -28.48 -25.69
CA GLN B 57 -39.58 -28.78 -26.80
C GLN B 57 -40.94 -29.25 -26.29
N SER B 58 -40.92 -30.19 -25.35
CA SER B 58 -42.14 -30.70 -24.74
C SER B 58 -42.97 -29.60 -24.07
N PHE B 59 -42.32 -28.78 -23.25
CA PHE B 59 -42.97 -27.65 -22.58
C PHE B 59 -43.57 -26.67 -23.57
N TYR B 60 -42.80 -26.33 -24.60
CA TYR B 60 -43.25 -25.44 -25.67
C TYR B 60 -44.44 -26.00 -26.45
N ASP B 61 -44.42 -27.31 -26.71
CA ASP B 61 -45.50 -27.98 -27.43
C ASP B 61 -46.79 -27.98 -26.61
N ALA B 62 -46.65 -28.13 -25.29
CA ALA B 62 -47.80 -28.19 -24.41
C ALA B 62 -48.42 -26.81 -24.19
N HIS B 63 -47.62 -25.76 -24.40
CA HIS B 63 -48.09 -24.37 -24.28
C HIS B 63 -48.95 -24.10 -23.05
N PRO B 64 -48.36 -24.25 -21.84
CA PRO B 64 -49.12 -24.04 -20.59
C PRO B 64 -49.65 -22.61 -20.43
N SER B 65 -48.88 -21.60 -20.81
CA SER B 65 -49.28 -20.22 -20.55
C SER B 65 -49.29 -19.34 -21.80
N ASP B 66 -50.18 -18.35 -21.79
CA ASP B 66 -50.25 -17.32 -22.82
C ASP B 66 -49.58 -16.05 -22.33
N SER B 67 -49.35 -15.96 -21.03
CA SER B 67 -48.76 -14.79 -20.42
C SER B 67 -47.26 -14.97 -20.14
N VAL B 68 -46.69 -16.06 -20.65
CA VAL B 68 -45.26 -16.31 -20.50
C VAL B 68 -44.64 -16.67 -21.84
N LYS B 69 -43.54 -16.01 -22.18
CA LYS B 69 -42.90 -16.20 -23.47
C LYS B 69 -41.55 -16.90 -23.31
N LEU B 70 -41.39 -18.01 -24.02
CA LEU B 70 -40.11 -18.73 -24.03
C LEU B 70 -39.19 -18.20 -25.12
N VAL B 71 -38.05 -17.64 -24.72
CA VAL B 71 -36.99 -17.35 -25.65
C VAL B 71 -35.67 -18.01 -25.27
N THR B 72 -35.06 -18.63 -26.27
CA THR B 72 -33.93 -19.52 -26.09
C THR B 72 -32.70 -18.93 -26.79
N VAL B 73 -31.56 -18.97 -26.12
CA VAL B 73 -30.35 -18.34 -26.65
C VAL B 73 -29.23 -19.33 -26.90
N ASN B 74 -28.90 -19.54 -28.17
CA ASN B 74 -27.73 -20.35 -28.50
C ASN B 74 -26.44 -19.52 -28.41
N LEU B 75 -25.45 -20.04 -27.69
CA LEU B 75 -24.18 -19.35 -27.59
C LEU B 75 -23.33 -19.75 -28.79
N VAL B 76 -23.65 -19.17 -29.94
CA VAL B 76 -23.07 -19.58 -31.20
C VAL B 76 -21.54 -19.47 -31.26
N ASN B 77 -20.99 -18.48 -30.56
CA ASN B 77 -19.56 -18.25 -30.58
C ASN B 77 -18.82 -19.30 -29.75
N SER B 78 -19.57 -20.14 -29.07
CA SER B 78 -19.01 -21.30 -28.38
C SER B 78 -19.29 -22.56 -29.19
N GLU B 79 -19.64 -22.37 -30.46
CA GLU B 79 -19.96 -23.48 -31.36
C GLU B 79 -18.91 -23.55 -32.46
N GLN B 80 -18.84 -24.70 -33.13
CA GLN B 80 -17.96 -24.85 -34.29
C GLN B 80 -18.18 -23.66 -35.20
N ASN B 81 -19.42 -23.48 -35.65
CA ASN B 81 -19.82 -22.32 -36.43
C ASN B 81 -21.34 -22.26 -36.42
N GLN B 82 -21.90 -21.32 -37.17
CA GLN B 82 -23.35 -21.14 -37.18
C GLN B 82 -24.09 -22.23 -37.97
N GLN B 83 -23.49 -22.74 -39.03
CA GLN B 83 -24.12 -23.78 -39.83
C GLN B 83 -24.34 -25.04 -39.00
N VAL B 84 -23.38 -25.36 -38.15
CA VAL B 84 -23.46 -26.51 -37.26
C VAL B 84 -24.69 -26.42 -36.36
N VAL B 85 -24.94 -25.22 -35.82
CA VAL B 85 -26.10 -25.00 -35.01
C VAL B 85 -27.37 -25.16 -35.84
N GLU B 86 -27.42 -24.47 -36.99
CA GLU B 86 -28.49 -24.66 -37.98
C GLU B 86 -28.85 -26.12 -38.20
N ASP B 87 -27.85 -26.94 -38.52
CA ASP B 87 -28.05 -28.38 -38.76
C ASP B 87 -28.59 -29.09 -37.53
N PHE B 88 -28.01 -28.78 -36.37
CA PHE B 88 -28.43 -29.35 -35.10
C PHE B 88 -29.91 -29.08 -34.81
N ILE B 89 -30.32 -27.82 -34.95
CA ILE B 89 -31.72 -27.44 -34.73
C ILE B 89 -32.64 -28.20 -35.67
N LYS B 90 -32.26 -28.21 -36.94
CA LYS B 90 -33.01 -28.89 -37.97
C LYS B 90 -33.11 -30.40 -37.67
N ALA B 91 -31.96 -31.03 -37.43
CA ALA B 91 -31.91 -32.48 -37.19
C ALA B 91 -32.67 -32.92 -35.94
N ASN B 92 -32.67 -32.09 -34.90
CA ASN B 92 -33.34 -32.42 -33.65
C ASN B 92 -34.77 -31.86 -33.61
N LYS B 93 -35.19 -31.28 -34.73
CA LYS B 93 -36.56 -30.75 -34.88
C LYS B 93 -36.96 -29.84 -33.71
N LEU B 94 -36.03 -28.96 -33.33
CA LEU B 94 -36.25 -27.95 -32.31
C LEU B 94 -37.08 -26.79 -32.88
N THR B 95 -38.23 -26.54 -32.27
CA THR B 95 -39.23 -25.63 -32.83
C THR B 95 -39.50 -24.38 -31.96
N PHE B 96 -39.03 -24.39 -30.72
CA PHE B 96 -39.19 -23.22 -29.87
C PHE B 96 -38.29 -22.08 -30.36
N PRO B 97 -38.53 -20.86 -29.87
CA PRO B 97 -37.73 -19.72 -30.34
C PRO B 97 -36.24 -19.81 -30.01
N ILE B 98 -35.40 -19.72 -31.02
CA ILE B 98 -33.96 -19.76 -30.81
C ILE B 98 -33.30 -18.50 -31.33
N VAL B 99 -32.54 -17.85 -30.47
CA VAL B 99 -31.79 -16.66 -30.81
C VAL B 99 -30.30 -16.99 -30.74
N LEU B 100 -29.53 -16.53 -31.71
CA LEU B 100 -28.09 -16.72 -31.73
C LEU B 100 -27.42 -15.51 -31.08
N ASP B 101 -26.58 -15.76 -30.08
CA ASP B 101 -25.84 -14.68 -29.42
C ASP B 101 -24.57 -14.32 -30.18
N SER B 102 -24.74 -13.78 -31.39
CA SER B 102 -23.63 -13.53 -32.31
C SER B 102 -22.64 -12.49 -31.83
N LYS B 103 -23.14 -11.46 -31.17
CA LYS B 103 -22.29 -10.37 -30.69
C LYS B 103 -21.88 -10.55 -29.23
N GLY B 104 -22.46 -11.55 -28.56
CA GLY B 104 -22.09 -11.86 -27.19
C GLY B 104 -22.66 -10.94 -26.15
N GLU B 105 -23.66 -10.16 -26.53
CA GLU B 105 -24.28 -9.19 -25.61
C GLU B 105 -25.19 -9.85 -24.57
N LEU B 106 -25.89 -10.90 -24.97
CA LEU B 106 -26.77 -11.63 -24.07
C LEU B 106 -26.01 -12.34 -22.96
N LYS B 108 -23.07 -11.55 -22.00
CA LYS B 108 -22.48 -10.45 -21.24
C LYS B 108 -23.48 -9.81 -20.27
N GLU B 109 -24.66 -9.48 -20.78
CA GLU B 109 -25.71 -8.83 -20.00
C GLU B 109 -26.23 -9.66 -18.84
N TYR B 110 -26.28 -10.98 -19.02
CA TYR B 110 -26.81 -11.88 -17.99
C TYR B 110 -25.68 -12.60 -17.23
N HIS B 111 -24.45 -12.18 -17.48
CA HIS B 111 -23.27 -12.71 -16.79
C HIS B 111 -23.22 -14.22 -16.83
N ILE B 112 -23.38 -14.78 -18.02
CA ILE B 112 -23.45 -16.23 -18.19
C ILE B 112 -22.06 -16.85 -18.16
N ILE B 113 -21.83 -17.70 -17.16
CA ILE B 113 -20.58 -18.46 -17.04
C ILE B 113 -20.86 -19.96 -17.07
N THR B 114 -22.11 -20.32 -16.83
CA THR B 114 -22.50 -21.72 -16.77
C THR B 114 -23.67 -21.99 -17.72
N ILE B 115 -23.67 -23.17 -18.33
CA ILE B 115 -24.84 -23.62 -19.10
C ILE B 115 -25.16 -25.09 -18.74
N PRO B 116 -26.46 -25.45 -18.70
CA PRO B 116 -27.61 -24.57 -18.99
C PRO B 116 -27.91 -23.57 -17.86
N THR B 117 -28.44 -22.41 -18.24
CA THR B 117 -28.92 -21.43 -17.28
C THR B 117 -30.25 -20.91 -17.79
N SER B 118 -31.24 -20.84 -16.89
CA SER B 118 -32.56 -20.32 -17.24
C SER B 118 -33.01 -19.26 -16.25
N PHE B 119 -33.68 -18.23 -16.77
CA PHE B 119 -34.22 -17.16 -15.95
C PHE B 119 -35.72 -17.01 -16.17
N LEU B 120 -36.43 -16.59 -15.14
CA LEU B 120 -37.79 -16.10 -15.26
C LEU B 120 -37.73 -14.58 -15.11
N LEU B 121 -38.12 -13.86 -16.15
CA LEU B 121 -38.13 -12.40 -16.10
C LEU B 121 -39.56 -11.89 -16.04
N ASN B 122 -39.79 -10.79 -15.33
CA ASN B 122 -41.09 -10.12 -15.41
C ASN B 122 -41.12 -9.14 -16.60
N GLU B 123 -42.22 -8.41 -16.74
CA GLU B 123 -42.38 -7.52 -17.88
C GLU B 123 -41.36 -6.41 -17.90
N LYS B 124 -40.72 -6.17 -16.77
CA LYS B 124 -39.76 -5.09 -16.63
C LYS B 124 -38.33 -5.56 -16.82
N GLY B 125 -38.18 -6.86 -17.09
CA GLY B 125 -36.86 -7.44 -17.32
C GLY B 125 -36.09 -7.75 -16.05
N GLU B 126 -36.79 -7.68 -14.92
CA GLU B 126 -36.21 -8.08 -13.65
C GLU B 126 -36.20 -9.60 -13.50
N ILE B 127 -35.15 -10.12 -12.87
CA ILE B 127 -35.02 -11.56 -12.68
C ILE B 127 -35.77 -12.04 -11.45
N GLU B 128 -36.80 -12.84 -11.66
CA GLU B 128 -37.56 -13.45 -10.58
C GLU B 128 -36.97 -14.80 -10.14
N LYS B 129 -36.60 -15.61 -11.12
CA LYS B 129 -36.00 -16.93 -10.85
C LYS B 129 -34.78 -17.13 -11.72
N THR B 130 -33.76 -17.76 -11.13
CA THR B 130 -32.54 -18.18 -11.83
C THR B 130 -32.31 -19.66 -11.57
N LYS B 131 -32.05 -20.42 -12.64
CA LYS B 131 -31.82 -21.85 -12.51
C LYS B 131 -30.55 -22.21 -13.28
N ILE B 132 -29.54 -22.66 -12.54
CA ILE B 132 -28.31 -23.15 -13.14
C ILE B 132 -28.32 -24.68 -13.17
N GLY B 133 -28.20 -25.25 -14.35
CA GLY B 133 -28.33 -26.68 -14.52
C GLY B 133 -29.65 -27.03 -15.19
N PRO B 134 -29.84 -28.31 -15.53
CA PRO B 134 -31.00 -28.80 -16.27
C PRO B 134 -32.34 -28.61 -15.54
N THR B 136 -36.83 -29.52 -15.99
CA THR B 136 -37.83 -30.40 -16.59
C THR B 136 -38.95 -29.57 -17.15
N ALA B 137 -39.70 -30.16 -18.09
CA ALA B 137 -40.91 -29.54 -18.63
C ALA B 137 -41.88 -29.16 -17.51
N GLU B 138 -41.84 -29.90 -16.41
CA GLU B 138 -42.72 -29.67 -15.26
C GLU B 138 -42.30 -28.46 -14.43
N GLN B 139 -40.99 -28.30 -14.23
CA GLN B 139 -40.45 -27.12 -13.56
C GLN B 139 -40.67 -25.85 -14.38
N LEU B 140 -40.58 -26.01 -15.70
CA LEU B 140 -40.91 -24.93 -16.63
C LEU B 140 -42.37 -24.53 -16.52
N LYS B 141 -43.25 -25.51 -16.43
CA LYS B 141 -44.67 -25.24 -16.28
C LYS B 141 -44.95 -24.53 -14.95
N GLU B 142 -44.27 -24.96 -13.89
CA GLU B 142 -44.43 -24.33 -12.59
C GLU B 142 -44.03 -22.85 -12.61
N TRP B 143 -42.97 -22.55 -13.34
CA TRP B 143 -42.52 -21.18 -13.51
C TRP B 143 -43.58 -20.35 -14.17
N THR B 144 -44.49 -21.04 -14.85
CA THR B 144 -45.59 -20.44 -15.60
C THR B 144 -46.77 -20.11 -14.68
N GLU B 145 -46.89 -20.87 -13.58
CA GLU B 145 -48.04 -20.74 -12.67
C GLU B 145 -47.90 -19.55 -11.73
N ALA C 16 -1.43 -30.53 2.12
CA ALA C 16 -2.72 -30.00 1.66
C ALA C 16 -3.32 -29.02 2.66
N VAL C 17 -3.90 -27.93 2.14
CA VAL C 17 -4.63 -27.02 3.01
C VAL C 17 -6.13 -27.23 2.81
N PHE C 18 -6.88 -26.95 3.86
CA PHE C 18 -8.31 -27.17 3.89
C PHE C 18 -9.05 -25.86 3.87
N LEU C 19 -10.05 -25.80 3.00
CA LEU C 19 -10.89 -24.62 2.81
C LEU C 19 -12.30 -24.97 3.24
N LYS C 21 -16.02 -23.98 5.57
CA LYS C 21 -16.91 -22.98 6.14
C LYS C 21 -17.26 -23.40 7.56
N THR C 22 -17.00 -22.49 8.49
CA THR C 22 -17.28 -22.68 9.91
C THR C 22 -18.79 -22.88 10.14
N ILE C 23 -19.14 -23.47 11.27
CA ILE C 23 -20.55 -23.68 11.64
C ILE C 23 -21.26 -22.32 11.76
N GLU C 24 -20.50 -21.30 12.11
CA GLU C 24 -20.98 -19.93 12.25
C GLU C 24 -20.90 -19.20 10.91
N GLY C 25 -20.66 -19.95 9.84
CA GLY C 25 -20.67 -19.40 8.51
C GLY C 25 -19.36 -18.86 7.97
N GLU C 26 -18.42 -18.59 8.87
CA GLU C 26 -17.12 -18.02 8.51
C GLU C 26 -16.26 -18.92 7.60
N ASP C 27 -15.54 -18.29 6.67
CA ASP C 27 -14.64 -19.03 5.78
C ASP C 27 -13.27 -19.21 6.40
N ILE C 28 -12.91 -20.47 6.63
CA ILE C 28 -11.73 -20.86 7.37
C ILE C 28 -10.75 -21.63 6.49
N SER C 29 -9.46 -21.56 6.82
CA SER C 29 -8.48 -22.46 6.20
C SER C 29 -7.61 -23.15 7.26
N ILE C 30 -7.01 -24.26 6.88
CA ILE C 30 -6.13 -25.00 7.77
C ILE C 30 -4.94 -25.53 7.00
N PRO C 31 -3.74 -24.94 7.19
CA PRO C 31 -3.37 -23.89 8.13
C PRO C 31 -3.85 -22.53 7.65
N ASN C 32 -3.73 -21.51 8.49
N ASN C 32 -3.73 -21.51 8.49
CA ASN C 32 -4.17 -20.17 8.09
CA ASN C 32 -4.15 -20.17 8.11
C ASN C 32 -3.09 -19.36 7.40
C ASN C 32 -3.07 -19.41 7.35
N LYS C 33 -3.51 -18.67 6.34
CA LYS C 33 -2.63 -17.82 5.55
C LYS C 33 -1.78 -16.93 6.47
N GLY C 34 -0.46 -17.02 6.31
CA GLY C 34 0.46 -16.21 7.08
C GLY C 34 0.08 -16.08 8.55
N GLN C 35 -0.20 -17.21 9.18
CA GLN C 35 -0.62 -17.19 10.57
C GLN C 35 -0.54 -18.59 11.16
N LYS C 36 -0.29 -18.65 12.47
CA LYS C 36 -0.19 -19.93 13.18
C LYS C 36 -1.59 -20.42 13.54
N THR C 37 -1.73 -21.74 13.66
CA THR C 37 -3.05 -22.35 13.88
C THR C 37 -3.07 -23.35 15.04
N ILE C 38 -4.04 -23.18 15.93
CA ILE C 38 -4.34 -24.23 16.91
C ILE C 38 -5.55 -25.06 16.46
N LEU C 39 -5.29 -26.32 16.15
CA LEU C 39 -6.30 -27.21 15.64
C LEU C 39 -6.76 -28.18 16.74
N HIS C 40 -8.06 -28.23 16.99
CA HIS C 40 -8.59 -29.08 18.06
C HIS C 40 -9.67 -30.06 17.57
N PHE C 41 -9.56 -31.33 17.99
CA PHE C 41 -10.49 -32.38 17.58
C PHE C 41 -11.36 -32.86 18.74
N TRP C 42 -12.67 -32.95 18.52
CA TRP C 42 -13.59 -33.33 19.59
C TRP C 42 -14.94 -33.90 19.15
N THR C 43 -15.70 -34.43 20.10
CA THR C 43 -17.11 -34.78 19.92
C THR C 43 -17.85 -34.31 21.16
N SER C 44 -19.17 -34.23 21.06
CA SER C 44 -19.98 -33.70 22.14
C SER C 44 -20.13 -34.67 23.29
N TRP C 45 -20.11 -35.97 22.97
CA TRP C 45 -20.32 -37.00 23.97
C TRP C 45 -19.04 -37.42 24.69
N CYS C 46 -17.90 -37.18 24.05
N CYS C 46 -17.90 -37.19 24.06
CA CYS C 46 -16.60 -37.47 24.65
CA CYS C 46 -16.62 -37.53 24.66
C CYS C 46 -16.48 -36.79 26.01
C CYS C 46 -16.47 -36.81 26.00
N PRO C 47 -16.39 -37.59 27.09
CA PRO C 47 -16.30 -37.03 28.44
C PRO C 47 -15.15 -36.02 28.66
N PRO C 48 -13.91 -36.35 28.25
CA PRO C 48 -12.81 -35.39 28.41
C PRO C 48 -12.97 -34.12 27.57
N CYS C 49 -13.52 -34.25 26.36
N CYS C 49 -13.51 -34.25 26.35
CA CYS C 49 -13.77 -33.12 25.48
CA CYS C 49 -13.78 -33.11 25.49
C CYS C 49 -14.83 -32.19 26.07
C CYS C 49 -14.81 -32.19 26.12
N LYS C 50 -15.92 -32.78 26.54
CA LYS C 50 -17.03 -32.05 27.14
C LYS C 50 -16.58 -31.09 28.25
N LYS C 51 -15.76 -31.57 29.18
CA LYS C 51 -15.31 -30.70 30.26
C LYS C 51 -14.13 -29.80 29.84
N GLU C 52 -13.58 -30.05 28.66
CA GLU C 52 -12.48 -29.24 28.14
C GLU C 52 -12.98 -28.11 27.24
N LEU C 53 -14.19 -28.24 26.72
CA LEU C 53 -14.75 -27.23 25.83
C LEU C 53 -14.83 -25.83 26.43
N PRO C 54 -15.16 -25.73 27.73
CA PRO C 54 -15.20 -24.40 28.38
C PRO C 54 -13.81 -23.76 28.43
N GLN C 55 -12.80 -24.60 28.42
CA GLN C 55 -11.39 -24.18 28.41
C GLN C 55 -11.05 -23.46 27.10
N PHE C 56 -11.58 -23.99 25.99
CA PHE C 56 -11.41 -23.38 24.68
C PHE C 56 -12.24 -22.11 24.48
N GLN C 57 -13.42 -22.08 25.10
CA GLN C 57 -14.28 -20.91 25.09
C GLN C 57 -13.62 -19.77 25.87
N SER C 58 -13.15 -20.09 27.06
CA SER C 58 -12.41 -19.12 27.88
C SER C 58 -11.19 -18.52 27.18
N PHE C 59 -10.34 -19.40 26.63
CA PHE C 59 -9.16 -18.99 25.85
C PHE C 59 -9.53 -18.11 24.65
N TYR C 60 -10.53 -18.54 23.89
CA TYR C 60 -11.03 -17.78 22.75
C TYR C 60 -11.57 -16.39 23.17
N ASP C 61 -12.28 -16.32 24.28
CA ASP C 61 -12.87 -15.08 24.76
C ASP C 61 -11.77 -14.09 25.20
N ALA C 62 -10.70 -14.62 25.80
CA ALA C 62 -9.58 -13.81 26.26
C ALA C 62 -8.70 -13.29 25.10
N HIS C 63 -8.74 -13.98 23.97
CA HIS C 63 -8.00 -13.60 22.76
C HIS C 63 -6.57 -13.16 23.04
N PRO C 64 -5.72 -14.08 23.52
CA PRO C 64 -4.33 -13.75 23.83
C PRO C 64 -3.53 -13.27 22.61
N SER C 65 -3.70 -13.93 21.45
CA SER C 65 -2.87 -13.62 20.30
C SER C 65 -3.66 -13.23 19.06
N ASP C 66 -3.04 -12.39 18.24
CA ASP C 66 -3.57 -12.01 16.94
C ASP C 66 -2.87 -12.81 15.84
N SER C 67 -1.72 -13.41 16.17
CA SER C 67 -0.93 -14.17 15.23
C SER C 67 -1.18 -15.68 15.33
N VAL C 68 -2.18 -16.07 16.12
CA VAL C 68 -2.57 -17.47 16.24
C VAL C 68 -4.06 -17.63 16.05
N LYS C 69 -4.44 -18.60 15.22
CA LYS C 69 -5.83 -18.81 14.86
C LYS C 69 -6.33 -20.14 15.44
N LEU C 70 -7.42 -20.08 16.20
CA LEU C 70 -8.04 -21.29 16.72
C LEU C 70 -9.08 -21.84 15.77
N VAL C 71 -8.85 -23.04 15.26
CA VAL C 71 -9.89 -23.74 14.54
C VAL C 71 -10.16 -25.11 15.15
N THR C 72 -11.44 -25.38 15.30
CA THR C 72 -11.93 -26.51 16.07
C THR C 72 -12.70 -27.46 15.14
N VAL C 73 -12.46 -28.77 15.29
CA VAL C 73 -13.03 -29.76 14.38
C VAL C 73 -13.93 -30.76 15.09
N ASN C 74 -15.23 -30.69 14.80
CA ASN C 74 -16.15 -31.70 15.33
C ASN C 74 -16.12 -32.94 14.44
N LEU C 75 -15.99 -34.10 15.07
CA LEU C 75 -16.01 -35.36 14.33
C LEU C 75 -17.45 -35.80 14.20
N VAL C 76 -18.15 -35.19 13.25
CA VAL C 76 -19.61 -35.29 13.18
C VAL C 76 -20.08 -36.72 12.88
N ASN C 77 -19.27 -37.46 12.13
CA ASN C 77 -19.60 -38.83 11.76
C ASN C 77 -19.46 -39.77 12.94
N SER C 78 -18.94 -39.27 14.05
CA SER C 78 -18.91 -40.02 15.30
C SER C 78 -20.00 -39.51 16.23
N GLU C 79 -20.95 -38.77 15.66
CA GLU C 79 -22.05 -38.19 16.42
C GLU C 79 -23.35 -38.85 16.00
N GLN C 80 -24.38 -38.71 16.83
CA GLN C 80 -25.70 -39.18 16.47
C GLN C 80 -26.01 -38.70 15.06
N ASN C 81 -26.01 -37.39 14.90
CA ASN C 81 -26.19 -36.77 13.60
C ASN C 81 -25.68 -35.35 13.70
N GLN C 82 -25.86 -34.57 12.63
CA GLN C 82 -25.40 -33.19 12.61
C GLN C 82 -26.26 -32.22 13.43
N GLN C 83 -27.56 -32.47 13.48
CA GLN C 83 -28.47 -31.63 14.25
C GLN C 83 -28.13 -31.66 15.72
N VAL C 84 -27.77 -32.85 16.21
CA VAL C 84 -27.37 -33.03 17.60
C VAL C 84 -26.19 -32.13 17.97
N VAL C 85 -25.19 -32.10 17.10
CA VAL C 85 -24.04 -31.23 17.28
C VAL C 85 -24.50 -29.76 17.28
N GLU C 86 -25.25 -29.37 16.25
CA GLU C 86 -25.90 -28.06 16.20
C GLU C 86 -26.52 -27.65 17.53
N ASP C 87 -27.40 -28.49 18.06
CA ASP C 87 -28.06 -28.23 19.34
C ASP C 87 -27.07 -28.08 20.48
N PHE C 88 -26.08 -28.96 20.50
CA PHE C 88 -25.04 -28.96 21.53
C PHE C 88 -24.26 -27.65 21.55
N ILE C 89 -23.85 -27.19 20.38
CA ILE C 89 -23.08 -25.96 20.25
C ILE C 89 -23.93 -24.79 20.73
N LYS C 90 -25.16 -24.76 20.27
CA LYS C 90 -26.11 -23.73 20.63
C LYS C 90 -26.36 -23.73 22.14
N ALA C 91 -26.74 -24.88 22.69
CA ALA C 91 -27.05 -25.01 24.12
C ALA C 91 -25.88 -24.67 25.05
N ASN C 92 -24.66 -24.99 24.63
CA ASN C 92 -23.48 -24.71 25.44
C ASN C 92 -22.84 -23.39 25.09
N LYS C 93 -23.49 -22.64 24.21
CA LYS C 93 -23.05 -21.31 23.81
C LYS C 93 -21.56 -21.28 23.40
N LEU C 94 -21.18 -22.25 22.58
CA LEU C 94 -19.83 -22.36 22.05
C LEU C 94 -19.70 -21.42 20.88
N THR C 95 -18.72 -20.52 20.97
CA THR C 95 -18.60 -19.41 20.03
C THR C 95 -17.31 -19.42 19.20
N PHE C 96 -16.35 -20.26 19.56
CA PHE C 96 -15.11 -20.37 18.80
C PHE C 96 -15.40 -21.07 17.47
N PRO C 97 -14.46 -20.99 16.52
CA PRO C 97 -14.70 -21.59 15.18
C PRO C 97 -14.86 -23.10 15.25
N ILE C 98 -15.96 -23.60 14.72
CA ILE C 98 -16.20 -25.05 14.66
C ILE C 98 -16.41 -25.51 13.23
N VAL C 99 -15.63 -26.52 12.85
CA VAL C 99 -15.74 -27.11 11.53
C VAL C 99 -16.20 -28.55 11.71
N LEU C 100 -17.12 -28.99 10.85
CA LEU C 100 -17.60 -30.37 10.89
C LEU C 100 -16.79 -31.22 9.92
N ASP C 101 -16.20 -32.30 10.41
CA ASP C 101 -15.44 -33.21 9.54
C ASP C 101 -16.37 -34.20 8.80
N SER C 102 -17.21 -33.66 7.91
CA SER C 102 -18.25 -34.43 7.22
C SER C 102 -17.71 -35.52 6.29
N LYS C 103 -16.62 -35.23 5.60
CA LYS C 103 -16.05 -36.20 4.67
C LYS C 103 -14.92 -37.02 5.30
N GLY C 104 -14.55 -36.69 6.53
CA GLY C 104 -13.56 -37.48 7.26
C GLY C 104 -12.13 -37.25 6.82
N GLU C 105 -11.90 -36.20 6.04
CA GLU C 105 -10.56 -35.90 5.56
C GLU C 105 -9.62 -35.36 6.64
N LEU C 106 -10.15 -34.53 7.55
CA LEU C 106 -9.34 -33.98 8.64
C LEU C 106 -8.83 -35.06 9.58
N LYS C 108 -8.54 -38.10 8.85
CA LYS C 108 -7.65 -38.92 8.03
C LYS C 108 -6.27 -38.29 7.89
N GLU C 109 -6.25 -37.00 7.55
CA GLU C 109 -5.01 -36.27 7.29
C GLU C 109 -4.14 -36.13 8.54
N TYR C 110 -4.78 -36.02 9.71
CA TYR C 110 -4.05 -35.84 10.95
C TYR C 110 -3.95 -37.12 11.77
N HIS C 111 -4.37 -38.22 11.15
CA HIS C 111 -4.30 -39.56 11.75
C HIS C 111 -4.92 -39.59 13.14
N ILE C 112 -6.13 -39.08 13.27
CA ILE C 112 -6.76 -38.93 14.57
C ILE C 112 -7.36 -40.24 15.05
N ILE C 113 -6.84 -40.75 16.16
CA ILE C 113 -7.34 -41.99 16.77
C ILE C 113 -7.83 -41.72 18.19
N THR C 114 -7.39 -40.61 18.74
CA THR C 114 -7.75 -40.26 20.11
C THR C 114 -8.34 -38.87 20.15
N ILE C 115 -9.31 -38.66 21.04
CA ILE C 115 -9.81 -37.33 21.31
C ILE C 115 -9.93 -37.13 22.83
N PRO C 116 -9.65 -35.91 23.32
CA PRO C 116 -9.28 -34.72 22.54
C PRO C 116 -7.84 -34.78 22.01
N THR C 117 -7.60 -34.15 20.86
CA THR C 117 -6.27 -33.99 20.34
C THR C 117 -6.12 -32.57 19.82
N SER C 118 -5.02 -31.91 20.16
CA SER C 118 -4.77 -30.54 19.70
C SER C 118 -3.39 -30.42 19.08
N PHE C 119 -3.27 -29.61 18.04
CA PHE C 119 -1.98 -29.37 17.39
C PHE C 119 -1.71 -27.88 17.33
N LEU C 120 -0.43 -27.53 17.36
CA LEU C 120 0.03 -26.19 17.03
C LEU C 120 0.72 -26.27 15.67
N LEU C 121 0.16 -25.59 14.67
CA LEU C 121 0.74 -25.61 13.33
C LEU C 121 1.36 -24.26 13.01
N ASN C 122 2.44 -24.26 12.26
CA ASN C 122 2.98 -23.01 11.77
C ASN C 122 2.30 -22.63 10.45
N GLU C 123 2.75 -21.53 9.86
CA GLU C 123 2.13 -21.02 8.64
C GLU C 123 2.22 -22.01 7.48
N LYS C 124 3.11 -22.97 7.60
CA LYS C 124 3.35 -23.92 6.53
C LYS C 124 2.59 -25.21 6.75
N GLY C 125 1.84 -25.28 7.85
CA GLY C 125 1.05 -26.46 8.15
C GLY C 125 1.85 -27.57 8.82
N GLU C 126 3.08 -27.26 9.21
CA GLU C 126 3.91 -28.19 9.94
C GLU C 126 3.50 -28.24 11.41
N ILE C 127 3.53 -29.43 11.99
CA ILE C 127 3.14 -29.63 13.38
C ILE C 127 4.26 -29.33 14.36
N GLU C 128 4.10 -28.25 15.13
CA GLU C 128 5.06 -27.85 16.16
C GLU C 128 4.79 -28.52 17.53
N LYS C 129 3.51 -28.57 17.91
CA LYS C 129 3.13 -29.24 19.15
C LYS C 129 1.96 -30.16 18.89
N THR C 130 1.94 -31.30 19.59
CA THR C 130 0.82 -32.23 19.59
C THR C 130 0.44 -32.50 21.05
N LYS C 131 -0.85 -32.42 21.35
CA LYS C 131 -1.33 -32.68 22.69
C LYS C 131 -2.47 -33.68 22.61
N ILE C 132 -2.28 -34.87 23.18
CA ILE C 132 -3.33 -35.85 23.31
C ILE C 132 -3.91 -35.82 24.73
N GLY C 133 -5.21 -35.56 24.83
CA GLY C 133 -5.85 -35.40 26.12
C GLY C 133 -6.17 -33.94 26.37
N PRO C 134 -6.90 -33.66 27.47
CA PRO C 134 -7.41 -32.32 27.80
C PRO C 134 -6.33 -31.28 28.01
N THR C 136 -5.75 -26.85 29.19
CA THR C 136 -6.31 -25.73 29.91
C THR C 136 -6.18 -24.47 29.07
N ALA C 137 -7.00 -23.47 29.41
CA ALA C 137 -6.92 -22.16 28.77
C ALA C 137 -5.51 -21.56 28.88
N GLU C 138 -4.75 -21.88 29.92
N GLU C 138 -4.80 -21.95 29.93
CA GLU C 138 -3.41 -21.29 29.99
CA GLU C 138 -3.45 -21.48 30.23
C GLU C 138 -2.29 -22.12 29.36
C GLU C 138 -2.44 -22.09 29.28
N GLN C 139 -2.56 -23.40 29.08
CA GLN C 139 -1.67 -24.14 28.17
C GLN C 139 -1.88 -23.66 26.74
N LEU C 140 -3.14 -23.35 26.42
CA LEU C 140 -3.47 -22.77 25.12
C LEU C 140 -2.83 -21.41 24.94
N LYS C 141 -2.85 -20.60 25.99
CA LYS C 141 -2.23 -19.29 25.95
C LYS C 141 -0.70 -19.43 25.79
N GLU C 142 -0.12 -20.40 26.48
CA GLU C 142 1.31 -20.66 26.36
C GLU C 142 1.70 -21.04 24.93
N TRP C 143 0.87 -21.85 24.29
CA TRP C 143 1.10 -22.22 22.90
C TRP C 143 1.09 -20.98 22.00
N THR C 144 0.48 -19.92 22.50
CA THR C 144 0.38 -18.66 21.80
C THR C 144 1.65 -17.81 21.94
N GLU C 145 2.39 -18.02 23.04
CA GLU C 145 3.57 -17.22 23.36
C GLU C 145 4.80 -17.67 22.56
N PRO D 12 0.33 15.15 -16.65
CA PRO D 12 1.07 15.52 -15.43
C PRO D 12 2.57 15.44 -15.64
N ALA D 13 3.32 16.39 -15.07
CA ALA D 13 4.74 16.52 -15.33
C ALA D 13 5.49 15.19 -15.18
N VAL D 14 5.30 14.55 -14.03
CA VAL D 14 6.03 13.34 -13.68
C VAL D 14 5.05 12.25 -13.29
N PRO D 15 5.41 10.98 -13.56
CA PRO D 15 4.54 9.94 -12.99
C PRO D 15 4.85 9.78 -11.49
N ALA D 16 3.86 10.11 -10.66
CA ALA D 16 4.06 10.18 -9.22
C ALA D 16 2.73 10.26 -8.52
N VAL D 17 2.61 9.56 -7.39
CA VAL D 17 1.42 9.73 -6.56
C VAL D 17 1.76 10.53 -5.31
N PHE D 18 0.75 11.23 -4.81
CA PHE D 18 0.92 12.14 -3.70
C PHE D 18 0.26 11.60 -2.46
N LEU D 19 1.01 11.65 -1.36
CA LEU D 19 0.56 11.18 -0.07
C LEU D 19 0.42 12.36 0.87
N LYS D 21 -1.92 14.64 3.93
CA LYS D 21 -2.91 14.69 5.00
C LYS D 21 -3.88 15.85 4.73
N THR D 22 -5.16 15.51 4.69
CA THR D 22 -6.23 16.46 4.48
C THR D 22 -6.24 17.50 5.61
N ILE D 23 -6.91 18.62 5.37
CA ILE D 23 -7.04 19.66 6.40
C ILE D 23 -7.83 19.13 7.60
N GLU D 24 -8.72 18.17 7.33
CA GLU D 24 -9.55 17.54 8.35
C GLU D 24 -8.82 16.35 8.95
N GLY D 25 -7.53 16.23 8.65
CA GLY D 25 -6.67 15.21 9.23
C GLY D 25 -6.59 13.88 8.49
N GLU D 26 -7.51 13.64 7.56
CA GLU D 26 -7.56 12.38 6.82
C GLU D 26 -6.34 12.16 5.94
N ASP D 27 -5.94 10.90 5.79
CA ASP D 27 -4.83 10.55 4.91
C ASP D 27 -5.32 10.26 3.51
N ILE D 28 -4.82 11.06 2.56
CA ILE D 28 -5.30 11.08 1.19
C ILE D 28 -4.18 10.73 0.23
N SER D 29 -4.51 10.20 -0.94
CA SER D 29 -3.53 10.02 -2.00
C SER D 29 -4.11 10.58 -3.29
N ILE D 30 -3.22 10.88 -4.25
CA ILE D 30 -3.63 11.37 -5.56
C ILE D 30 -2.72 10.78 -6.64
N PRO D 31 -3.24 9.84 -7.44
CA PRO D 31 -4.62 9.33 -7.50
C PRO D 31 -4.93 8.35 -6.37
N ASN D 32 -6.19 7.99 -6.22
N ASN D 32 -6.19 7.99 -6.22
CA ASN D 32 -6.56 7.07 -5.15
CA ASN D 32 -6.58 7.06 -5.16
C ASN D 32 -6.46 5.59 -5.52
C ASN D 32 -6.40 5.61 -5.55
N LYS D 33 -5.92 4.81 -4.59
CA LYS D 33 -5.75 3.39 -4.76
C LYS D 33 -7.01 2.75 -5.33
N GLY D 34 -6.88 2.06 -6.45
CA GLY D 34 -8.00 1.38 -7.07
C GLY D 34 -9.29 2.19 -7.06
N GLN D 35 -9.20 3.45 -7.48
CA GLN D 35 -10.37 4.32 -7.47
C GLN D 35 -10.12 5.57 -8.31
N LYS D 36 -11.18 6.09 -8.89
CA LYS D 36 -11.10 7.28 -9.73
C LYS D 36 -11.11 8.53 -8.86
N THR D 37 -10.46 9.60 -9.34
CA THR D 37 -10.29 10.82 -8.53
C THR D 37 -10.71 12.11 -9.25
N ILE D 38 -11.51 12.92 -8.57
CA ILE D 38 -11.78 14.27 -9.04
C ILE D 38 -10.90 15.25 -8.27
N LEU D 39 -9.99 15.89 -8.99
CA LEU D 39 -9.03 16.80 -8.38
C LEU D 39 -9.42 18.25 -8.73
N HIS D 40 -9.54 19.09 -7.70
CA HIS D 40 -9.98 20.47 -7.87
C HIS D 40 -9.02 21.47 -7.26
N PHE D 41 -8.68 22.50 -8.03
CA PHE D 41 -7.76 23.53 -7.58
C PHE D 41 -8.44 24.90 -7.36
N TRP D 42 -8.13 25.55 -6.24
CA TRP D 42 -8.79 26.80 -5.90
C TRP D 42 -8.05 27.66 -4.88
N THR D 43 -8.51 28.90 -4.73
CA THR D 43 -8.15 29.76 -3.61
C THR D 43 -9.43 30.39 -3.07
N SER D 44 -9.35 30.93 -1.86
CA SER D 44 -10.52 31.52 -1.20
C SER D 44 -10.94 32.86 -1.80
N TRP D 45 -9.99 33.61 -2.35
CA TRP D 45 -10.28 34.94 -2.87
C TRP D 45 -10.69 34.91 -4.33
N CYS D 46 -10.35 33.83 -5.01
N CYS D 46 -10.35 33.84 -5.02
CA CYS D 46 -10.72 33.67 -6.41
CA CYS D 46 -10.70 33.72 -6.42
C CYS D 46 -12.24 33.79 -6.56
C CYS D 46 -12.22 33.80 -6.57
N PRO D 47 -12.71 34.84 -7.26
CA PRO D 47 -14.15 35.04 -7.41
C PRO D 47 -14.92 33.84 -8.00
N PRO D 48 -14.44 33.25 -9.11
CA PRO D 48 -15.15 32.07 -9.66
C PRO D 48 -15.11 30.84 -8.75
N CYS D 49 -14.01 30.67 -8.02
N CYS D 49 -14.00 30.65 -8.04
CA CYS D 49 -13.87 29.54 -7.08
CA CYS D 49 -13.87 29.55 -7.07
C CYS D 49 -14.83 29.71 -5.91
C CYS D 49 -14.87 29.72 -5.94
N LYS D 50 -14.86 30.92 -5.37
CA LYS D 50 -15.72 31.26 -4.24
C LYS D 50 -17.18 30.87 -4.46
N LYS D 51 -17.75 31.25 -5.60
CA LYS D 51 -19.14 30.89 -5.86
C LYS D 51 -19.32 29.45 -6.35
N GLU D 52 -18.21 28.79 -6.67
CA GLU D 52 -18.23 27.40 -7.12
C GLU D 52 -18.07 26.42 -5.96
N LEU D 53 -17.49 26.86 -4.85
CA LEU D 53 -17.27 25.99 -3.70
C LEU D 53 -18.54 25.33 -3.15
N PRO D 54 -19.67 26.06 -3.14
CA PRO D 54 -20.94 25.46 -2.68
C PRO D 54 -21.38 24.31 -3.58
N GLN D 55 -20.99 24.39 -4.84
CA GLN D 55 -21.26 23.35 -5.83
C GLN D 55 -20.54 22.05 -5.45
N PHE D 56 -19.31 22.16 -4.95
CA PHE D 56 -18.53 21.00 -4.52
C PHE D 56 -19.01 20.45 -3.19
N GLN D 57 -19.48 21.34 -2.32
CA GLN D 57 -20.08 20.92 -1.06
C GLN D 57 -21.37 20.13 -1.32
N SER D 58 -22.23 20.68 -2.18
CA SER D 58 -23.47 20.01 -2.57
C SER D 58 -23.23 18.61 -3.18
N PHE D 59 -22.36 18.55 -4.18
CA PHE D 59 -21.96 17.28 -4.80
C PHE D 59 -21.41 16.28 -3.77
N TYR D 60 -20.52 16.74 -2.90
CA TYR D 60 -19.93 15.89 -1.86
C TYR D 60 -20.98 15.36 -0.88
N ASP D 61 -21.93 16.21 -0.52
CA ASP D 61 -22.99 15.86 0.43
C ASP D 61 -23.93 14.82 -0.18
N ALA D 62 -24.18 14.94 -1.48
CA ALA D 62 -25.07 14.01 -2.18
C ALA D 62 -24.40 12.64 -2.43
N HIS D 63 -23.07 12.62 -2.42
CA HIS D 63 -22.29 11.39 -2.58
C HIS D 63 -22.81 10.45 -3.68
N PRO D 64 -22.74 10.91 -4.95
CA PRO D 64 -23.24 10.11 -6.07
C PRO D 64 -22.50 8.78 -6.23
N SER D 65 -21.18 8.79 -6.08
CA SER D 65 -20.40 7.58 -6.37
C SER D 65 -19.52 7.10 -5.21
N ASP D 66 -19.31 5.79 -5.17
CA ASP D 66 -18.40 5.17 -4.22
C ASP D 66 -17.08 4.87 -4.89
N SER D 67 -17.10 4.89 -6.23
CA SER D 67 -15.92 4.54 -7.01
C SER D 67 -15.17 5.78 -7.49
N VAL D 68 -15.58 6.95 -7.00
CA VAL D 68 -14.93 8.20 -7.35
C VAL D 68 -14.61 9.01 -6.10
N LYS D 69 -13.37 9.49 -6.02
CA LYS D 69 -12.91 10.19 -4.83
C LYS D 69 -12.67 11.66 -5.13
N LEU D 70 -13.33 12.54 -4.37
CA LEU D 70 -13.09 13.97 -4.49
C LEU D 70 -11.93 14.42 -3.60
N VAL D 71 -10.86 14.90 -4.21
CA VAL D 71 -9.84 15.62 -3.45
C VAL D 71 -9.61 17.02 -4.00
N THR D 72 -9.55 17.95 -3.07
CA THR D 72 -9.55 19.38 -3.33
C THR D 72 -8.22 20.01 -2.88
N VAL D 73 -7.65 20.85 -3.73
CA VAL D 73 -6.35 21.44 -3.45
C VAL D 73 -6.37 22.97 -3.31
N ASN D 74 -6.12 23.46 -2.10
CA ASN D 74 -6.00 24.90 -1.89
C ASN D 74 -4.59 25.34 -2.25
N LEU D 75 -4.49 26.38 -3.07
CA LEU D 75 -3.18 26.95 -3.41
C LEU D 75 -2.79 27.94 -2.33
N VAL D 76 -2.31 27.41 -1.21
CA VAL D 76 -2.13 28.20 0.00
C VAL D 76 -1.09 29.29 -0.15
N ASN D 77 -0.07 29.04 -0.98
CA ASN D 77 0.98 30.02 -1.26
C ASN D 77 0.47 31.19 -2.12
N SER D 78 -0.76 31.07 -2.62
CA SER D 78 -1.41 32.19 -3.28
C SER D 78 -2.43 32.85 -2.33
N GLU D 79 -2.33 32.53 -1.05
CA GLU D 79 -3.22 33.08 -0.04
C GLU D 79 -2.45 34.02 0.89
N GLN D 80 -3.18 34.86 1.60
CA GLN D 80 -2.57 35.69 2.64
C GLN D 80 -1.64 34.85 3.50
N ASN D 81 -2.19 33.81 4.11
CA ASN D 81 -1.43 32.84 4.87
C ASN D 81 -2.30 31.62 5.07
N GLN D 82 -1.81 30.65 5.83
CA GLN D 82 -2.56 29.40 6.06
C GLN D 82 -3.75 29.54 7.02
N GLN D 83 -3.61 30.40 8.02
CA GLN D 83 -4.68 30.62 8.99
C GLN D 83 -5.91 31.18 8.28
N VAL D 84 -5.68 32.06 7.31
CA VAL D 84 -6.76 32.68 6.56
C VAL D 84 -7.60 31.61 5.86
N VAL D 85 -6.93 30.64 5.26
CA VAL D 85 -7.60 29.52 4.63
C VAL D 85 -8.37 28.70 5.66
N GLU D 86 -7.69 28.32 6.74
CA GLU D 86 -8.35 27.69 7.88
C GLU D 86 -9.68 28.38 8.23
N ASP D 87 -9.62 29.69 8.44
CA ASP D 87 -10.81 30.45 8.86
C ASP D 87 -11.89 30.38 7.81
N PHE D 88 -11.47 30.52 6.55
CA PHE D 88 -12.38 30.48 5.41
C PHE D 88 -13.13 29.14 5.33
N ILE D 89 -12.39 28.04 5.41
CA ILE D 89 -12.97 26.72 5.39
C ILE D 89 -13.95 26.56 6.53
N LYS D 90 -13.54 26.95 7.73
CA LYS D 90 -14.36 26.88 8.93
C LYS D 90 -15.63 27.72 8.77
N ALA D 91 -15.46 29.01 8.44
CA ALA D 91 -16.59 29.93 8.27
C ALA D 91 -17.60 29.52 7.18
N ASN D 92 -17.11 28.93 6.09
CA ASN D 92 -18.00 28.51 5.00
C ASN D 92 -18.44 27.06 5.13
N LYS D 93 -18.10 26.45 6.25
CA LYS D 93 -18.50 25.08 6.56
C LYS D 93 -18.21 24.11 5.42
N LEU D 94 -17.02 24.23 4.84
CA LEU D 94 -16.54 23.36 3.80
C LEU D 94 -16.06 22.04 4.40
N THR D 95 -16.67 20.94 3.95
CA THR D 95 -16.50 19.62 4.58
C THR D 95 -15.83 18.56 3.68
N PHE D 96 -15.73 18.84 2.38
CA PHE D 96 -15.06 17.93 1.46
C PHE D 96 -13.55 17.93 1.74
N PRO D 97 -12.82 16.94 1.19
CA PRO D 97 -11.37 16.87 1.44
C PRO D 97 -10.59 18.06 0.87
N ILE D 98 -9.86 18.76 1.74
CA ILE D 98 -9.02 19.87 1.32
C ILE D 98 -7.55 19.63 1.65
N VAL D 99 -6.72 19.72 0.62
CA VAL D 99 -5.29 19.58 0.74
C VAL D 99 -4.64 20.93 0.45
N LEU D 100 -3.67 21.32 1.27
CA LEU D 100 -2.91 22.55 1.06
C LEU D 100 -1.67 22.26 0.23
N ASP D 101 -1.49 23.02 -0.85
CA ASP D 101 -0.31 22.83 -1.72
C ASP D 101 0.88 23.65 -1.21
N SER D 102 1.36 23.28 -0.02
CA SER D 102 2.39 24.06 0.69
C SER D 102 3.73 24.11 -0.03
N LYS D 103 4.12 22.99 -0.66
CA LYS D 103 5.38 22.92 -1.37
C LYS D 103 5.25 23.23 -2.85
N GLY D 104 4.03 23.40 -3.33
CA GLY D 104 3.81 23.81 -4.70
C GLY D 104 4.02 22.69 -5.71
N GLU D 105 4.03 21.45 -5.24
CA GLU D 105 4.27 20.32 -6.12
C GLU D 105 3.06 19.93 -6.95
N LEU D 106 1.88 20.05 -6.36
CA LEU D 106 0.62 19.80 -7.06
C LEU D 106 0.40 20.76 -8.23
N LYS D 108 2.64 22.47 -9.68
CA LYS D 108 3.73 22.18 -10.62
C LYS D 108 3.46 20.94 -11.49
N GLU D 109 3.07 19.85 -10.83
CA GLU D 109 2.82 18.58 -11.48
C GLU D 109 1.65 18.62 -12.46
N TYR D 110 0.64 19.42 -12.16
CA TYR D 110 -0.53 19.51 -13.03
C TYR D 110 -0.52 20.78 -13.89
N HIS D 111 0.59 21.50 -13.87
CA HIS D 111 0.80 22.69 -14.69
C HIS D 111 -0.34 23.68 -14.54
N ILE D 112 -0.69 23.99 -13.30
CA ILE D 112 -1.83 24.85 -13.01
C ILE D 112 -1.47 26.32 -13.20
N ILE D 113 -2.16 26.97 -14.15
CA ILE D 113 -1.98 28.38 -14.43
C ILE D 113 -3.29 29.11 -14.24
N THR D 114 -4.38 28.35 -14.24
CA THR D 114 -5.72 28.94 -14.13
C THR D 114 -6.50 28.25 -13.01
N ILE D 115 -7.32 29.04 -12.32
CA ILE D 115 -8.24 28.50 -11.33
C ILE D 115 -9.62 29.16 -11.50
N PRO D 116 -10.70 28.37 -11.32
CA PRO D 116 -10.67 26.96 -10.93
C PRO D 116 -10.28 26.02 -12.06
N THR D 117 -9.65 24.90 -11.69
CA THR D 117 -9.34 23.85 -12.64
C THR D 117 -9.65 22.50 -11.99
N SER D 118 -10.33 21.64 -12.73
CA SER D 118 -10.70 20.32 -12.21
C SER D 118 -10.33 19.24 -13.20
N PHE D 119 -9.90 18.09 -12.68
CA PHE D 119 -9.53 16.94 -13.50
C PHE D 119 -10.29 15.72 -13.04
N LEU D 120 -10.53 14.81 -14.00
CA LEU D 120 -10.99 13.46 -13.69
C LEU D 120 -9.80 12.56 -13.99
N LEU D 121 -9.31 11.88 -12.95
CA LEU D 121 -8.21 10.95 -13.11
C LEU D 121 -8.71 9.53 -12.96
N ASN D 122 -8.12 8.59 -13.71
CA ASN D 122 -8.40 7.17 -13.48
C ASN D 122 -7.47 6.62 -12.40
N GLU D 123 -7.56 5.32 -12.14
CA GLU D 123 -6.78 4.71 -11.06
C GLU D 123 -5.28 4.77 -11.29
N LYS D 124 -4.89 5.04 -12.53
CA LYS D 124 -3.49 5.11 -12.90
C LYS D 124 -2.96 6.54 -12.90
N GLY D 125 -3.82 7.50 -12.55
CA GLY D 125 -3.42 8.89 -12.48
C GLY D 125 -3.41 9.60 -13.82
N GLU D 126 -3.94 8.93 -14.83
CA GLU D 126 -4.07 9.54 -16.14
C GLU D 126 -5.29 10.48 -16.18
N ILE D 127 -5.14 11.59 -16.89
CA ILE D 127 -6.20 12.58 -16.98
C ILE D 127 -7.23 12.25 -18.05
N GLU D 128 -8.45 11.95 -17.62
CA GLU D 128 -9.56 11.67 -18.54
C GLU D 128 -10.32 12.93 -18.95
N LYS D 129 -10.56 13.81 -17.98
CA LYS D 129 -11.25 15.06 -18.24
C LYS D 129 -10.51 16.22 -17.57
N THR D 130 -10.46 17.36 -18.26
CA THR D 130 -9.92 18.61 -17.73
C THR D 130 -10.95 19.71 -17.91
N LYS D 131 -11.21 20.45 -16.83
CA LYS D 131 -12.20 21.52 -16.87
C LYS D 131 -11.56 22.77 -16.30
N ILE D 132 -11.42 23.80 -17.14
CA ILE D 132 -10.94 25.10 -16.70
C ILE D 132 -12.12 26.06 -16.56
N GLY D 133 -12.31 26.57 -15.36
CA GLY D 133 -13.48 27.40 -15.06
C GLY D 133 -14.45 26.64 -14.17
N PRO D 134 -15.50 27.34 -13.70
CA PRO D 134 -16.48 26.80 -12.75
C PRO D 134 -17.27 25.61 -13.28
N THR D 136 -20.67 22.74 -12.10
CA THR D 136 -21.86 22.55 -11.28
C THR D 136 -21.84 21.19 -10.61
N ALA D 137 -22.60 21.07 -9.52
CA ALA D 137 -22.79 19.79 -8.85
C ALA D 137 -23.26 18.72 -9.85
N GLU D 138 -23.97 19.15 -10.87
CA GLU D 138 -24.51 18.25 -11.88
C GLU D 138 -23.44 17.73 -12.85
N GLN D 139 -22.53 18.62 -13.23
CA GLN D 139 -21.42 18.24 -14.09
C GLN D 139 -20.47 17.33 -13.34
N LEU D 140 -20.33 17.58 -12.04
CA LEU D 140 -19.51 16.72 -11.18
C LEU D 140 -20.12 15.33 -11.06
N LYS D 141 -21.44 15.28 -10.96
CA LYS D 141 -22.14 14.00 -10.91
C LYS D 141 -21.97 13.25 -12.23
N GLU D 142 -22.06 13.96 -13.33
CA GLU D 142 -21.88 13.34 -14.64
C GLU D 142 -20.49 12.73 -14.78
N TRP D 143 -19.49 13.42 -14.25
CA TRP D 143 -18.12 12.90 -14.27
C TRP D 143 -18.04 11.58 -13.53
N THR D 144 -19.00 11.38 -12.65
CA THR D 144 -19.09 10.20 -11.81
C THR D 144 -19.71 9.03 -12.57
N GLU D 145 -20.55 9.34 -13.55
CA GLU D 145 -21.29 8.33 -14.29
C GLU D 145 -20.43 7.63 -15.35
N PRO E 12 17.21 16.07 5.36
CA PRO E 12 16.45 15.26 6.33
C PRO E 12 16.15 16.06 7.61
N ALA E 13 14.95 15.87 8.15
CA ALA E 13 14.46 16.68 9.26
C ALA E 13 15.49 16.79 10.38
N VAL E 14 15.97 15.63 10.84
CA VAL E 14 16.85 15.56 11.99
C VAL E 14 18.09 14.78 11.64
N PRO E 15 19.23 15.15 12.25
CA PRO E 15 20.37 14.26 12.06
C PRO E 15 20.17 13.01 12.93
N ALA E 16 20.03 11.87 12.27
CA ALA E 16 19.72 10.62 12.97
C ALA E 16 19.91 9.46 12.03
N VAL E 17 20.40 8.34 12.55
CA VAL E 17 20.47 7.12 11.77
C VAL E 17 19.41 6.15 12.26
N PHE E 18 18.98 5.29 11.35
CA PHE E 18 17.90 4.37 11.61
C PHE E 18 18.44 2.96 11.69
N LEU E 19 18.00 2.24 12.72
CA LEU E 19 18.38 0.87 12.97
C LEU E 19 17.16 -0.02 12.81
N LYS E 21 15.18 -3.69 11.17
CA LYS E 21 15.26 -5.06 10.68
C LYS E 21 14.48 -5.17 9.36
N THR E 22 15.16 -5.66 8.34
CA THR E 22 14.59 -5.88 7.02
C THR E 22 13.45 -6.90 7.10
N ILE E 23 12.59 -6.91 6.08
CA ILE E 23 11.49 -7.86 6.01
C ILE E 23 12.04 -9.28 5.92
N GLU E 24 13.23 -9.41 5.32
CA GLU E 24 13.91 -10.70 5.19
C GLU E 24 14.75 -10.98 6.44
N GLY E 25 14.56 -10.19 7.49
CA GLY E 25 15.19 -10.43 8.77
C GLY E 25 16.54 -9.75 9.01
N GLU E 26 17.16 -9.28 7.93
CA GLU E 26 18.48 -8.66 8.01
C GLU E 26 18.48 -7.35 8.82
N ASP E 27 19.58 -7.11 9.53
CA ASP E 27 19.74 -5.87 10.30
C ASP E 27 20.36 -4.78 9.44
N ILE E 28 19.59 -3.70 9.27
CA ILE E 28 19.92 -2.62 8.34
C ILE E 28 20.10 -1.30 9.08
N SER E 29 20.89 -0.40 8.52
CA SER E 29 20.92 0.97 9.02
C SER E 29 20.76 1.96 7.87
N ILE E 30 20.38 3.19 8.22
CA ILE E 30 20.22 4.24 7.23
C ILE E 30 20.70 5.58 7.82
N PRO E 31 21.87 6.07 7.36
CA PRO E 31 22.74 5.57 6.29
C PRO E 31 23.56 4.38 6.75
N ASN E 32 24.27 3.74 5.83
N ASN E 32 24.27 3.75 5.82
CA ASN E 32 25.06 2.57 6.18
CA ASN E 32 25.08 2.58 6.17
C ASN E 32 26.48 2.90 6.60
C ASN E 32 26.46 2.96 6.64
N LYS E 33 26.92 2.23 7.66
CA LYS E 33 28.25 2.41 8.21
C LYS E 33 29.30 2.40 7.10
N GLY E 34 30.06 3.48 7.01
CA GLY E 34 31.13 3.58 6.03
C GLY E 34 30.73 3.08 4.67
N GLN E 35 29.60 3.53 4.17
CA GLN E 35 29.11 3.07 2.88
C GLN E 35 27.99 3.98 2.39
N LYS E 36 27.87 4.09 1.07
CA LYS E 36 26.87 4.94 0.45
C LYS E 36 25.53 4.19 0.39
N THR E 37 24.43 4.93 0.40
CA THR E 37 23.10 4.30 0.46
C THR E 37 22.12 4.81 -0.61
N ILE E 38 21.48 3.88 -1.31
CA ILE E 38 20.32 4.23 -2.12
C ILE E 38 19.03 3.90 -1.38
N LEU E 39 18.29 4.94 -1.02
CA LEU E 39 17.04 4.82 -0.28
C LEU E 39 15.83 5.01 -1.20
N HIS E 40 14.92 4.04 -1.20
CA HIS E 40 13.77 4.05 -2.10
C HIS E 40 12.44 3.92 -1.36
N PHE E 41 11.48 4.78 -1.69
CA PHE E 41 10.17 4.79 -1.03
C PHE E 41 9.04 4.37 -1.98
N TRP E 42 8.17 3.46 -1.52
CA TRP E 42 7.12 2.92 -2.39
C TRP E 42 5.93 2.32 -1.62
N THR E 43 4.86 2.04 -2.38
CA THR E 43 3.77 1.19 -1.91
C THR E 43 3.45 0.21 -3.04
N SER E 44 2.72 -0.85 -2.72
CA SER E 44 2.40 -1.92 -3.66
C SER E 44 1.34 -1.50 -4.69
N TRP E 45 0.44 -0.62 -4.29
CA TRP E 45 -0.65 -0.22 -5.16
C TRP E 45 -0.29 0.96 -6.05
N CYS E 46 0.75 1.70 -5.66
N CYS E 46 0.74 1.71 -5.67
CA CYS E 46 1.21 2.82 -6.45
CA CYS E 46 1.16 2.85 -6.46
C CYS E 46 1.57 2.36 -7.86
C CYS E 46 1.56 2.37 -7.84
N PRO E 47 0.83 2.85 -8.87
CA PRO E 47 1.08 2.44 -10.26
C PRO E 47 2.51 2.62 -10.78
N PRO E 48 3.13 3.81 -10.56
CA PRO E 48 4.53 3.99 -10.99
C PRO E 48 5.55 3.16 -10.22
N CYS E 49 5.29 2.90 -8.93
N CYS E 49 5.30 2.92 -8.93
CA CYS E 49 6.16 2.07 -8.12
CA CYS E 49 6.15 2.06 -8.12
C CYS E 49 6.09 0.62 -8.58
C CYS E 49 6.09 0.62 -8.63
N LYS E 50 4.86 0.14 -8.80
CA LYS E 50 4.61 -1.22 -9.23
C LYS E 50 5.42 -1.61 -10.45
N LYS E 51 5.42 -0.77 -11.49
CA LYS E 51 6.17 -1.11 -12.69
C LYS E 51 7.66 -0.80 -12.55
N GLU E 52 8.02 -0.08 -11.49
CA GLU E 52 9.42 0.28 -11.24
C GLU E 52 10.13 -0.74 -10.37
N LEU E 53 9.37 -1.52 -9.61
CA LEU E 53 9.94 -2.51 -8.70
C LEU E 53 10.84 -3.56 -9.38
N PRO E 54 10.47 -4.00 -10.59
CA PRO E 54 11.33 -4.94 -11.32
C PRO E 54 12.68 -4.31 -11.66
N GLN E 55 12.69 -2.98 -11.76
CA GLN E 55 13.88 -2.22 -12.08
C GLN E 55 14.88 -2.32 -10.93
N PHE E 56 14.34 -2.27 -9.71
CA PHE E 56 15.15 -2.40 -8.48
C PHE E 56 15.61 -3.84 -8.23
N GLN E 57 14.77 -4.80 -8.61
CA GLN E 57 15.14 -6.20 -8.53
C GLN E 57 16.29 -6.47 -9.49
N SER E 58 16.15 -6.05 -10.74
CA SER E 58 17.18 -6.19 -11.75
C SER E 58 18.54 -5.59 -11.33
N PHE E 59 18.52 -4.32 -10.94
CA PHE E 59 19.68 -3.63 -10.39
C PHE E 59 20.33 -4.40 -9.23
N TYR E 60 19.50 -4.81 -8.26
CA TYR E 60 19.96 -5.56 -7.10
C TYR E 60 20.62 -6.90 -7.48
N ASP E 61 20.02 -7.57 -8.45
CA ASP E 61 20.51 -8.86 -8.91
C ASP E 61 21.87 -8.71 -9.61
N ALA E 62 22.03 -7.62 -10.35
CA ALA E 62 23.27 -7.35 -11.08
C ALA E 62 24.42 -6.92 -10.16
N HIS E 63 24.07 -6.39 -8.99
CA HIS E 63 25.04 -5.98 -7.98
C HIS E 63 26.23 -5.20 -8.53
N PRO E 64 25.97 -4.00 -9.09
CA PRO E 64 27.04 -3.19 -9.68
C PRO E 64 28.12 -2.78 -8.68
N SER E 65 27.72 -2.39 -7.47
CA SER E 65 28.69 -1.85 -6.50
C SER E 65 28.70 -2.57 -5.16
N ASP E 66 29.89 -2.57 -4.54
CA ASP E 66 30.07 -3.09 -3.19
C ASP E 66 30.09 -1.94 -2.18
N SER E 67 30.28 -0.73 -2.69
CA SER E 67 30.38 0.45 -1.84
C SER E 67 29.07 1.23 -1.77
N VAL E 68 28.01 0.66 -2.35
CA VAL E 68 26.68 1.27 -2.29
C VAL E 68 25.65 0.27 -1.80
N LYS E 69 24.82 0.68 -0.84
CA LYS E 69 23.85 -0.20 -0.23
C LYS E 69 22.41 0.22 -0.60
N LEU E 70 21.66 -0.70 -1.19
CA LEU E 70 20.26 -0.46 -1.49
C LEU E 70 19.36 -0.80 -0.32
N VAL E 71 18.70 0.20 0.24
CA VAL E 71 17.62 -0.07 1.19
C VAL E 71 16.31 0.57 0.75
N THR E 72 15.26 -0.23 0.86
CA THR E 72 13.96 0.06 0.29
C THR E 72 12.93 0.20 1.40
N VAL E 73 12.06 1.20 1.31
CA VAL E 73 11.11 1.48 2.39
C VAL E 73 9.67 1.38 1.93
N ASN E 74 8.95 0.40 2.45
CA ASN E 74 7.52 0.31 2.17
C ASN E 74 6.74 1.20 3.14
N LEU E 75 5.88 2.03 2.59
CA LEU E 75 5.02 2.88 3.40
C LEU E 75 3.80 2.08 3.81
N VAL E 76 3.98 1.24 4.82
CA VAL E 76 3.00 0.22 5.17
C VAL E 76 1.69 0.83 5.65
N ASN E 77 1.78 1.99 6.30
CA ASN E 77 0.59 2.66 6.83
C ASN E 77 -0.26 3.27 5.72
N SER E 78 0.26 3.24 4.49
CA SER E 78 -0.49 3.63 3.30
C SER E 78 -0.95 2.38 2.55
N GLU E 79 -0.90 1.24 3.21
CA GLU E 79 -1.30 -0.03 2.63
C GLU E 79 -2.55 -0.55 3.37
N GLN E 80 -3.24 -1.49 2.74
CA GLN E 80 -4.37 -2.17 3.37
C GLN E 80 -3.97 -2.61 4.78
N ASN E 81 -2.93 -3.42 4.83
CA ASN E 81 -2.33 -3.84 6.09
C ASN E 81 -0.95 -4.43 5.79
N GLN E 82 -0.28 -4.91 6.83
CA GLN E 82 1.05 -5.48 6.65
C GLN E 82 1.08 -6.82 5.93
N GLN E 83 0.06 -7.64 6.14
CA GLN E 83 0.01 -8.96 5.49
C GLN E 83 -0.06 -8.81 3.97
N VAL E 84 -0.83 -7.82 3.52
CA VAL E 84 -0.95 -7.51 2.11
C VAL E 84 0.40 -7.23 1.47
N VAL E 85 1.23 -6.46 2.15
CA VAL E 85 2.58 -6.17 1.69
C VAL E 85 3.40 -7.46 1.65
N GLU E 86 3.41 -8.19 2.76
CA GLU E 86 4.02 -9.50 2.83
C GLU E 86 3.71 -10.34 1.61
N ASP E 87 2.42 -10.50 1.31
CA ASP E 87 1.97 -11.31 0.17
C ASP E 87 2.49 -10.76 -1.15
N PHE E 88 2.44 -9.44 -1.29
CA PHE E 88 2.91 -8.76 -2.48
C PHE E 88 4.38 -9.05 -2.73
N ILE E 89 5.21 -8.84 -1.71
CA ILE E 89 6.64 -9.10 -1.82
C ILE E 89 6.89 -10.55 -2.22
N LYS E 90 6.20 -11.45 -1.53
CA LYS E 90 6.34 -12.87 -1.78
C LYS E 90 5.93 -13.20 -3.21
N ALA E 91 4.72 -12.81 -3.59
CA ALA E 91 4.19 -13.07 -4.93
C ALA E 91 5.02 -12.49 -6.09
N ASN E 92 5.62 -11.32 -5.86
CA ASN E 92 6.43 -10.67 -6.89
C ASN E 92 7.92 -11.03 -6.78
N LYS E 93 8.22 -11.94 -5.85
CA LYS E 93 9.58 -12.41 -5.66
C LYS E 93 10.59 -11.27 -5.53
N LEU E 94 10.23 -10.28 -4.73
CA LEU E 94 11.08 -9.14 -4.42
C LEU E 94 12.11 -9.53 -3.36
N THR E 95 13.38 -9.39 -3.71
CA THR E 95 14.47 -9.94 -2.92
C THR E 95 15.42 -8.89 -2.32
N PHE E 96 15.32 -7.64 -2.80
CA PHE E 96 16.14 -6.56 -2.26
C PHE E 96 15.67 -6.21 -0.85
N PRO E 97 16.49 -5.44 -0.10
CA PRO E 97 16.12 -5.12 1.29
C PRO E 97 14.87 -4.28 1.38
N ILE E 98 13.88 -4.75 2.13
CA ILE E 98 12.65 -4.00 2.34
C ILE E 98 12.41 -3.70 3.81
N VAL E 99 12.22 -2.42 4.11
CA VAL E 99 11.93 -1.99 5.45
C VAL E 99 10.49 -1.42 5.50
N LEU E 100 9.74 -1.77 6.53
CA LEU E 100 8.39 -1.24 6.71
C LEU E 100 8.44 0.00 7.58
N ASP E 101 7.88 1.11 7.07
CA ASP E 101 7.84 2.35 7.84
C ASP E 101 6.63 2.37 8.78
N SER E 102 6.66 1.46 9.76
CA SER E 102 5.53 1.24 10.69
C SER E 102 5.20 2.44 11.58
N LYS E 103 6.24 3.14 12.03
CA LYS E 103 6.04 4.29 12.92
C LYS E 103 5.98 5.62 12.15
N GLY E 104 6.26 5.57 10.85
CA GLY E 104 6.18 6.77 10.02
C GLY E 104 7.33 7.74 10.17
N GLU E 105 8.43 7.30 10.79
CA GLU E 105 9.58 8.16 11.02
C GLU E 105 10.41 8.43 9.75
N LEU E 106 10.54 7.41 8.90
CA LEU E 106 11.26 7.53 7.65
C LEU E 106 10.59 8.54 6.72
N LYS E 108 8.56 10.82 7.59
CA LYS E 108 8.66 12.11 8.29
C LYS E 108 10.05 12.75 8.12
N GLU E 109 11.09 11.96 8.38
CA GLU E 109 12.47 12.42 8.32
C GLU E 109 12.92 12.84 6.93
N TYR E 110 12.40 12.18 5.90
CA TYR E 110 12.77 12.52 4.52
C TYR E 110 11.70 13.36 3.80
N HIS E 111 10.71 13.82 4.55
CA HIS E 111 9.64 14.69 4.06
C HIS E 111 8.99 14.14 2.82
N ILE E 112 8.60 12.86 2.87
CA ILE E 112 8.08 12.17 1.69
C ILE E 112 6.62 12.51 1.46
N ILE E 113 6.35 13.15 0.32
CA ILE E 113 4.99 13.49 -0.09
C ILE E 113 4.64 12.80 -1.41
N THR E 114 5.67 12.35 -2.12
CA THR E 114 5.46 11.75 -3.42
C THR E 114 6.14 10.39 -3.45
N ILE E 115 5.54 9.46 -4.18
CA ILE E 115 6.20 8.19 -4.46
C ILE E 115 5.99 7.84 -5.92
N PRO E 116 7.02 7.23 -6.56
CA PRO E 116 8.28 6.80 -5.94
C PRO E 116 9.22 7.98 -5.69
N THR E 117 10.05 7.85 -4.65
CA THR E 117 11.11 8.80 -4.40
C THR E 117 12.36 8.02 -4.03
N SER E 118 13.50 8.39 -4.63
CA SER E 118 14.78 7.75 -4.34
C SER E 118 15.86 8.78 -4.01
N PHE E 119 16.73 8.45 -3.06
CA PHE E 119 17.82 9.33 -2.66
C PHE E 119 19.14 8.58 -2.77
N LEU E 120 20.21 9.33 -3.03
CA LEU E 120 21.57 8.81 -2.90
C LEU E 120 22.16 9.51 -1.69
N LEU E 121 22.50 8.74 -0.65
CA LEU E 121 23.09 9.31 0.55
C LEU E 121 24.56 8.93 0.62
N ASN E 122 25.39 9.82 1.16
CA ASN E 122 26.78 9.45 1.46
C ASN E 122 26.85 8.81 2.85
N GLU E 123 28.06 8.50 3.29
CA GLU E 123 28.25 7.80 4.56
C GLU E 123 27.78 8.62 5.74
N LYS E 124 27.60 9.92 5.53
CA LYS E 124 27.21 10.82 6.62
C LYS E 124 25.71 11.06 6.64
N GLY E 125 24.99 10.41 5.74
CA GLY E 125 23.56 10.57 5.65
C GLY E 125 23.10 11.83 4.94
N GLU E 126 24.04 12.53 4.31
CA GLU E 126 23.70 13.70 3.49
C GLU E 126 23.18 13.27 2.13
N ILE E 127 22.19 14.01 1.65
CA ILE E 127 21.55 13.71 0.37
C ILE E 127 22.35 14.26 -0.82
N GLU E 128 22.89 13.37 -1.63
CA GLU E 128 23.61 13.74 -2.85
C GLU E 128 22.68 13.87 -4.06
N LYS E 129 21.77 12.91 -4.22
CA LYS E 129 20.82 12.91 -5.32
C LYS E 129 19.43 12.66 -4.77
N THR E 130 18.44 13.32 -5.39
CA THR E 130 17.02 13.08 -5.12
C THR E 130 16.31 12.85 -6.45
N LYS E 131 15.52 11.78 -6.52
CA LYS E 131 14.78 11.46 -7.73
C LYS E 131 13.31 11.24 -7.35
N ILE E 132 12.44 12.10 -7.87
CA ILE E 132 11.00 11.93 -7.71
C ILE E 132 10.40 11.35 -8.99
N GLY E 133 9.76 10.20 -8.88
CA GLY E 133 9.29 9.48 -10.05
C GLY E 133 10.15 8.26 -10.35
N PRO E 134 9.70 7.42 -11.30
CA PRO E 134 10.33 6.14 -11.64
C PRO E 134 11.78 6.26 -12.12
N THR E 136 15.28 3.72 -13.70
CA THR E 136 15.64 2.49 -14.38
C THR E 136 16.84 1.85 -13.69
N ALA E 137 17.01 0.56 -13.91
CA ALA E 137 18.18 -0.17 -13.41
C ALA E 137 19.48 0.50 -13.84
N GLU E 138 19.48 1.14 -15.00
N GLU E 138 19.46 1.12 -15.02
CA GLU E 138 20.71 1.77 -15.51
CA GLU E 138 20.63 1.79 -15.57
C GLU E 138 20.96 3.18 -14.94
C GLU E 138 20.95 3.12 -14.87
N GLN E 139 19.92 3.86 -14.49
CA GLN E 139 20.08 5.10 -13.70
C GLN E 139 20.57 4.78 -12.27
N LEU E 140 20.08 3.69 -11.72
CA LEU E 140 20.52 3.17 -10.44
C LEU E 140 22.00 2.78 -10.48
N LYS E 141 22.41 2.13 -11.56
CA LYS E 141 23.81 1.78 -11.75
C LYS E 141 24.69 3.03 -11.89
N GLU E 142 24.18 4.04 -12.58
CA GLU E 142 24.91 5.31 -12.71
C GLU E 142 25.13 5.99 -11.36
N TRP E 143 24.11 5.96 -10.49
CA TRP E 143 24.20 6.49 -9.14
C TRP E 143 25.30 5.77 -8.35
N THR E 144 25.62 4.58 -8.81
CA THR E 144 26.65 3.74 -8.21
C THR E 144 28.06 4.17 -8.65
N GLU E 145 28.16 4.74 -9.85
CA GLU E 145 29.46 5.08 -10.44
C GLU E 145 30.04 6.36 -9.85
N PRO F 15 7.68 -4.23 32.00
CA PRO F 15 8.17 -3.62 33.23
C PRO F 15 9.34 -4.44 33.76
N ALA F 16 10.52 -3.84 33.80
CA ALA F 16 11.72 -4.56 34.18
C ALA F 16 12.86 -3.58 34.45
N VAL F 17 13.67 -3.87 35.47
CA VAL F 17 14.86 -3.07 35.70
C VAL F 17 16.08 -3.86 35.27
N PHE F 18 17.10 -3.12 34.85
CA PHE F 18 18.32 -3.71 34.31
C PHE F 18 19.46 -3.53 35.28
N LEU F 19 20.19 -4.61 35.49
CA LEU F 19 21.33 -4.65 36.39
C LEU F 19 22.58 -4.90 35.56
N LYS F 21 26.83 -3.93 34.53
CA LYS F 21 28.13 -3.39 34.90
C LYS F 21 28.60 -2.41 33.81
N THR F 22 28.89 -1.19 34.24
CA THR F 22 29.43 -0.15 33.38
C THR F 22 30.76 -0.56 32.74
N ILE F 23 31.14 0.13 31.66
CA ILE F 23 32.40 -0.16 30.97
C ILE F 23 33.56 0.15 31.90
N GLU F 24 33.35 1.11 32.81
CA GLU F 24 34.33 1.52 33.81
C GLU F 24 34.21 0.65 35.07
N GLY F 25 33.48 -0.45 34.97
CA GLY F 25 33.38 -1.42 36.05
C GLY F 25 32.26 -1.20 37.06
N GLU F 26 31.72 0.01 37.11
CA GLU F 26 30.66 0.37 38.07
C GLU F 26 29.36 -0.44 37.92
N ASP F 27 28.72 -0.74 39.03
CA ASP F 27 27.43 -1.45 39.01
C ASP F 27 26.27 -0.46 38.88
N ILE F 28 25.55 -0.59 37.78
CA ILE F 28 24.49 0.34 37.38
C ILE F 28 23.12 -0.36 37.35
N SER F 29 22.07 0.41 37.54
CA SER F 29 20.72 -0.09 37.28
C SER F 29 19.95 0.89 36.40
N ILE F 30 18.88 0.40 35.77
CA ILE F 30 18.04 1.24 34.95
C ILE F 30 16.58 0.81 35.10
N PRO F 31 15.77 1.61 35.81
CA PRO F 31 16.04 2.94 36.38
C PRO F 31 16.83 2.83 37.67
N ASN F 32 17.29 3.96 38.19
N ASN F 32 17.29 3.97 38.19
CA ASN F 32 18.10 3.94 39.41
CA ASN F 32 18.08 3.96 39.41
C ASN F 32 17.26 4.01 40.67
C ASN F 32 17.21 3.97 40.66
N LYS F 33 17.64 3.19 41.65
CA LYS F 33 16.99 3.13 42.94
C LYS F 33 16.76 4.53 43.49
N GLY F 34 15.50 4.84 43.77
CA GLY F 34 15.13 6.13 44.34
C GLY F 34 15.86 7.30 43.70
N GLN F 35 15.85 7.35 42.38
CA GLN F 35 16.55 8.41 41.66
C GLN F 35 16.11 8.46 40.22
N LYS F 36 16.16 9.65 39.63
CA LYS F 36 15.76 9.84 38.24
C LYS F 36 16.92 9.48 37.30
N THR F 37 16.60 9.05 36.09
CA THR F 37 17.62 8.57 35.17
C THR F 37 17.55 9.20 33.78
N ILE F 38 18.69 9.66 33.30
CA ILE F 38 18.82 10.03 31.89
C ILE F 38 19.50 8.89 31.11
N LEU F 39 18.71 8.25 30.25
CA LEU F 39 19.19 7.14 29.44
C LEU F 39 19.49 7.59 28.00
N HIS F 40 20.71 7.31 27.53
CA HIS F 40 21.13 7.76 26.21
C HIS F 40 21.64 6.61 25.34
N PHE F 41 21.20 6.57 24.09
CA PHE F 41 21.56 5.51 23.14
C PHE F 41 22.43 6.02 21.98
N TRP F 42 23.51 5.32 21.68
CA TRP F 42 24.45 5.77 20.66
C TRP F 42 25.36 4.68 20.10
N THR F 43 26.05 5.03 19.01
CA THR F 43 27.16 4.25 18.48
C THR F 43 28.29 5.22 18.15
N SER F 44 29.49 4.69 17.96
CA SER F 44 30.65 5.52 17.74
C SER F 44 30.70 6.11 16.33
N TRP F 45 30.15 5.39 15.37
CA TRP F 45 30.20 5.81 13.98
C TRP F 45 29.06 6.74 13.59
N CYS F 46 27.99 6.70 14.38
N CYS F 46 27.98 6.69 14.37
CA CYS F 46 26.83 7.55 14.14
CA CYS F 46 26.83 7.55 14.10
C CYS F 46 27.28 9.03 14.13
C CYS F 46 27.26 9.01 14.12
N PRO F 47 27.15 9.69 12.97
CA PRO F 47 27.59 11.09 12.86
C PRO F 47 26.97 12.08 13.87
N PRO F 48 25.64 12.05 14.07
CA PRO F 48 25.03 12.92 15.10
C PRO F 48 25.42 12.58 16.54
N CYS F 49 25.64 11.30 16.83
N CYS F 49 25.62 11.30 16.84
CA CYS F 49 26.06 10.85 18.17
CA CYS F 49 26.07 10.85 18.16
C CYS F 49 27.49 11.32 18.44
C CYS F 49 27.48 11.36 18.43
N LYS F 50 28.35 11.14 17.45
CA LYS F 50 29.76 11.50 17.55
C LYS F 50 29.98 12.95 17.99
N LYS F 51 29.29 13.88 17.37
CA LYS F 51 29.44 15.28 17.76
C LYS F 51 28.62 15.65 18.98
N GLU F 52 27.73 14.75 19.39
CA GLU F 52 26.92 14.97 20.58
C GLU F 52 27.57 14.43 21.85
N LEU F 53 28.47 13.47 21.71
CA LEU F 53 29.15 12.87 22.87
C LEU F 53 29.89 13.84 23.78
N PRO F 54 30.53 14.88 23.20
CA PRO F 54 31.19 15.90 24.03
C PRO F 54 30.18 16.68 24.87
N GLN F 55 28.96 16.76 24.37
CA GLN F 55 27.84 17.40 25.06
C GLN F 55 27.49 16.66 26.35
N PHE F 56 27.53 15.32 26.29
CA PHE F 56 27.28 14.46 27.46
C PHE F 56 28.46 14.45 28.43
N GLN F 57 29.68 14.55 27.90
CA GLN F 57 30.88 14.65 28.72
C GLN F 57 30.88 15.96 29.52
N SER F 58 30.61 17.06 28.83
CA SER F 58 30.49 18.37 29.46
C SER F 58 29.43 18.42 30.56
N PHE F 59 28.23 17.94 30.26
CA PHE F 59 27.13 17.85 31.23
C PHE F 59 27.52 17.01 32.45
N TYR F 60 28.12 15.86 32.20
CA TYR F 60 28.56 14.94 33.25
C TYR F 60 29.62 15.57 34.15
N ASP F 61 30.56 16.28 33.52
CA ASP F 61 31.64 16.94 34.25
C ASP F 61 31.11 18.06 35.13
N ALA F 62 30.08 18.75 34.65
CA ALA F 62 29.49 19.86 35.42
C ALA F 62 28.61 19.39 36.57
N HIS F 63 28.12 18.15 36.48
CA HIS F 63 27.32 17.52 37.53
C HIS F 63 26.25 18.43 38.13
N PRO F 64 25.28 18.83 37.31
CA PRO F 64 24.20 19.71 37.77
C PRO F 64 23.36 19.11 38.92
N SER F 65 23.04 17.82 38.85
CA SER F 65 22.13 17.24 39.83
C SER F 65 22.69 16.02 40.54
N ASP F 66 22.25 15.83 41.78
CA ASP F 66 22.57 14.66 42.57
C ASP F 66 21.39 13.69 42.54
N SER F 67 20.23 14.19 42.13
CA SER F 67 19.00 13.39 42.10
C SER F 67 18.70 12.84 40.71
N VAL F 68 19.65 13.02 39.78
CA VAL F 68 19.51 12.48 38.43
C VAL F 68 20.75 11.71 38.03
N LYS F 69 20.53 10.52 37.49
CA LYS F 69 21.64 9.65 37.14
C LYS F 69 21.73 9.49 35.61
N LEU F 70 22.90 9.78 35.06
CA LEU F 70 23.14 9.59 33.65
C LEU F 70 23.68 8.18 33.36
N VAL F 71 22.89 7.38 32.65
CA VAL F 71 23.41 6.14 32.09
C VAL F 71 23.30 6.09 30.57
N THR F 72 24.39 5.66 29.96
CA THR F 72 24.61 5.75 28.54
C THR F 72 24.75 4.33 27.96
N VAL F 73 24.09 4.09 26.84
CA VAL F 73 24.05 2.75 26.25
C VAL F 73 24.67 2.69 24.85
N ASN F 74 25.80 2.01 24.73
CA ASN F 74 26.37 1.76 23.42
C ASN F 74 25.70 0.56 22.76
N LEU F 75 25.28 0.74 21.52
CA LEU F 75 24.69 -0.36 20.76
C LEU F 75 25.81 -1.16 20.11
N VAL F 76 26.46 -1.99 20.91
CA VAL F 76 27.69 -2.64 20.51
C VAL F 76 27.52 -3.56 19.31
N ASN F 77 26.35 -4.19 19.21
CA ASN F 77 26.07 -5.11 18.12
C ASN F 77 25.86 -4.37 16.79
N SER F 78 25.83 -3.05 16.84
CA SER F 78 25.83 -2.21 15.64
C SER F 78 27.21 -1.62 15.40
N GLU F 79 28.22 -2.18 16.06
CA GLU F 79 29.59 -1.73 15.95
C GLU F 79 30.42 -2.81 15.27
N GLN F 80 31.59 -2.41 14.77
CA GLN F 80 32.55 -3.37 14.23
C GLN F 80 32.72 -4.53 15.20
N ASN F 81 33.14 -4.19 16.42
CA ASN F 81 33.22 -5.16 17.49
C ASN F 81 33.33 -4.39 18.80
N GLN F 82 33.50 -5.10 19.91
CA GLN F 82 33.59 -4.47 21.23
C GLN F 82 34.90 -3.73 21.48
N GLN F 83 35.99 -4.26 20.94
CA GLN F 83 37.30 -3.64 21.12
C GLN F 83 37.31 -2.24 20.50
N VAL F 84 36.70 -2.12 19.32
CA VAL F 84 36.57 -0.83 18.63
C VAL F 84 35.91 0.22 19.53
N VAL F 85 34.82 -0.16 20.19
CA VAL F 85 34.14 0.73 21.13
C VAL F 85 35.08 1.09 22.28
N GLU F 86 35.66 0.08 22.92
CA GLU F 86 36.70 0.29 23.92
C GLU F 86 37.70 1.36 23.51
N ASP F 87 38.29 1.20 22.32
CA ASP F 87 39.31 2.13 21.82
C ASP F 87 38.74 3.52 21.67
N PHE F 88 37.55 3.61 21.10
CA PHE F 88 36.84 4.87 20.90
C PHE F 88 36.61 5.62 22.22
N ILE F 89 36.10 4.91 23.22
CA ILE F 89 35.83 5.49 24.52
C ILE F 89 37.13 6.01 25.12
N LYS F 90 38.16 5.18 25.07
CA LYS F 90 39.48 5.52 25.57
C LYS F 90 40.04 6.75 24.83
N ALA F 91 40.10 6.66 23.50
CA ALA F 91 40.67 7.74 22.68
C ALA F 91 39.95 9.08 22.84
N ASN F 92 38.63 9.04 23.01
CA ASN F 92 37.85 10.28 23.16
C ASN F 92 37.66 10.69 24.61
N LYS F 93 38.34 9.97 25.50
CA LYS F 93 38.32 10.26 26.93
C LYS F 93 36.91 10.45 27.48
N LEU F 94 36.02 9.54 27.08
CA LEU F 94 34.65 9.50 27.55
C LEU F 94 34.59 8.89 28.94
N THR F 95 34.06 9.65 29.90
CA THR F 95 34.15 9.29 31.32
C THR F 95 32.79 9.02 31.99
N PHE F 96 31.70 9.39 31.32
CA PHE F 96 30.37 9.12 31.86
C PHE F 96 30.07 7.63 31.80
N PRO F 97 29.03 7.18 32.52
CA PRO F 97 28.72 5.74 32.52
C PRO F 97 28.31 5.20 31.15
N ILE F 98 29.03 4.18 30.68
CA ILE F 98 28.70 3.52 29.43
C ILE F 98 28.39 2.05 29.65
N VAL F 99 27.23 1.64 29.18
CA VAL F 99 26.80 0.25 29.20
C VAL F 99 26.73 -0.27 27.76
N LEU F 100 27.22 -1.49 27.55
CA LEU F 100 27.16 -2.14 26.24
C LEU F 100 25.90 -3.01 26.15
N ASP F 101 25.09 -2.77 25.12
CA ASP F 101 23.86 -3.54 24.91
C ASP F 101 24.17 -4.86 24.17
N SER F 102 24.92 -5.74 24.83
CA SER F 102 25.42 -6.98 24.25
C SER F 102 24.33 -7.97 23.85
N LYS F 103 23.29 -8.06 24.67
CA LYS F 103 22.19 -8.99 24.39
C LYS F 103 21.03 -8.33 23.66
N GLY F 104 21.09 -7.02 23.48
CA GLY F 104 20.10 -6.32 22.68
C GLY F 104 18.79 -6.07 23.38
N GLU F 105 18.78 -6.30 24.69
N GLU F 105 18.78 -6.28 24.69
CA GLU F 105 17.57 -6.14 25.48
CA GLU F 105 17.54 -6.15 25.46
C GLU F 105 17.15 -4.69 25.67
C GLU F 105 17.15 -4.70 25.77
N LEU F 106 18.13 -3.82 25.91
CA LEU F 106 17.88 -2.40 26.08
C LEU F 106 17.24 -1.78 24.83
N LYS F 108 15.68 -3.37 22.59
CA LYS F 108 14.39 -4.04 22.47
C LYS F 108 13.35 -3.43 23.41
N GLU F 109 13.71 -3.31 24.68
CA GLU F 109 12.84 -2.79 25.71
C GLU F 109 12.38 -1.35 25.46
N TYR F 110 13.27 -0.52 24.91
CA TYR F 110 12.94 0.89 24.66
C TYR F 110 12.59 1.16 23.20
N HIS F 111 12.41 0.08 22.43
CA HIS F 111 12.01 0.16 21.03
C HIS F 111 12.85 1.14 20.23
N ILE F 112 14.17 1.00 20.34
CA ILE F 112 15.09 1.93 19.71
C ILE F 112 15.27 1.64 18.24
N ILE F 113 14.90 2.60 17.41
CA ILE F 113 15.03 2.50 15.96
C ILE F 113 15.90 3.63 15.45
N THR F 114 16.03 4.68 16.25
CA THR F 114 16.78 5.86 15.84
C THR F 114 17.83 6.18 16.87
N ILE F 115 18.98 6.68 16.42
CA ILE F 115 19.99 7.21 17.33
C ILE F 115 20.53 8.53 16.80
N PRO F 116 20.83 9.49 17.70
CA PRO F 116 20.73 9.36 19.16
C PRO F 116 19.29 9.42 19.66
N THR F 117 19.05 8.74 20.78
CA THR F 117 17.76 8.84 21.48
C THR F 117 18.03 8.95 22.98
N SER F 118 17.37 9.89 23.64
CA SER F 118 17.53 10.06 25.07
C SER F 118 16.17 10.06 25.77
N PHE F 119 16.13 9.47 26.97
CA PHE F 119 14.92 9.47 27.79
C PHE F 119 15.20 10.04 29.16
N LEU F 120 14.17 10.63 29.75
CA LEU F 120 14.17 11.02 31.15
C LEU F 120 13.21 10.06 31.88
N LEU F 121 13.75 9.23 32.76
CA LEU F 121 12.92 8.29 33.49
C LEU F 121 12.77 8.73 34.94
N ASN F 122 11.61 8.50 35.55
CA ASN F 122 11.47 8.71 36.99
C ASN F 122 11.94 7.46 37.73
N GLU F 123 11.79 7.47 39.05
CA GLU F 123 12.26 6.36 39.87
C GLU F 123 11.55 5.06 39.57
N LYS F 124 10.40 5.14 38.92
CA LYS F 124 9.59 3.97 38.63
C LYS F 124 9.85 3.44 37.23
N GLY F 125 10.76 4.08 36.51
CA GLY F 125 11.12 3.66 35.18
C GLY F 125 10.17 4.12 34.10
N GLU F 126 9.25 5.00 34.47
CA GLU F 126 8.31 5.60 33.52
C GLU F 126 8.99 6.71 32.74
N ILE F 127 8.67 6.79 31.46
CA ILE F 127 9.28 7.78 30.57
C ILE F 127 8.60 9.15 30.65
N GLU F 128 9.32 10.13 31.18
CA GLU F 128 8.84 11.50 31.28
C GLU F 128 9.16 12.33 30.03
N LYS F 129 10.37 12.17 29.51
CA LYS F 129 10.77 12.87 28.30
C LYS F 129 11.43 11.89 27.34
N THR F 130 11.20 12.10 26.04
CA THR F 130 11.86 11.36 24.98
C THR F 130 12.41 12.37 23.98
N LYS F 131 13.68 12.20 23.61
CA LYS F 131 14.34 13.10 22.67
C LYS F 131 14.99 12.26 21.59
N ILE F 132 14.54 12.42 20.35
CA ILE F 132 15.16 11.76 19.20
C ILE F 132 16.01 12.79 18.45
N GLY F 133 17.31 12.51 18.32
CA GLY F 133 18.24 13.45 17.74
C GLY F 133 19.09 14.08 18.83
N PRO F 134 20.13 14.83 18.41
CA PRO F 134 21.14 15.41 19.30
C PRO F 134 20.58 16.35 20.35
N THR F 136 21.93 19.16 23.76
CA THR F 136 23.01 19.99 24.28
C THR F 136 23.16 19.79 25.76
N ALA F 137 24.34 20.10 26.28
CA ALA F 137 24.61 20.04 27.69
C ALA F 137 23.59 20.86 28.48
N GLU F 138 23.07 21.90 27.83
CA GLU F 138 22.11 22.80 28.44
C GLU F 138 20.71 22.17 28.54
N GLN F 139 20.31 21.46 27.48
CA GLN F 139 19.04 20.74 27.49
C GLN F 139 19.06 19.60 28.50
N LEU F 140 20.22 18.97 28.63
CA LEU F 140 20.44 17.94 29.63
C LEU F 140 20.32 18.49 31.04
N LYS F 141 20.85 19.68 31.24
CA LYS F 141 20.77 20.34 32.53
C LYS F 141 19.32 20.71 32.83
N GLU F 142 18.58 21.16 31.82
CA GLU F 142 17.16 21.50 32.01
C GLU F 142 16.35 20.27 32.40
N TRP F 143 16.67 19.13 31.79
CA TRP F 143 16.02 17.87 32.16
C TRP F 143 16.24 17.54 33.61
N THR F 144 17.30 18.13 34.17
CA THR F 144 17.68 17.95 35.57
C THR F 144 16.86 18.82 36.52
N GLU F 145 16.39 19.96 36.01
CA GLU F 145 15.69 20.94 36.83
C GLU F 145 14.23 20.54 37.09
N ALA G 13 32.91 57.23 4.80
CA ALA G 13 34.08 58.09 4.63
C ALA G 13 33.66 59.54 4.42
N VAL G 14 32.80 59.75 3.44
CA VAL G 14 32.39 61.09 3.03
C VAL G 14 30.87 61.19 3.05
N PRO G 15 30.35 62.39 3.35
CA PRO G 15 28.90 62.53 3.17
C PRO G 15 28.61 62.65 1.67
N ALA G 16 27.92 61.64 1.13
CA ALA G 16 27.68 61.58 -0.30
C ALA G 16 26.61 60.54 -0.61
N VAL G 17 25.75 60.84 -1.58
CA VAL G 17 24.80 59.84 -2.05
C VAL G 17 25.23 59.31 -3.41
N PHE G 18 24.81 58.09 -3.68
CA PHE G 18 25.24 57.38 -4.88
C PHE G 18 24.08 57.21 -5.82
N LEU G 19 24.32 57.55 -7.07
CA LEU G 19 23.32 57.45 -8.12
C LEU G 19 23.75 56.38 -9.09
N LYS G 21 22.83 52.77 -11.59
CA LYS G 21 21.86 51.96 -12.32
C LYS G 21 22.03 50.49 -11.92
N THR G 22 20.93 49.89 -11.50
CA THR G 22 20.87 48.49 -11.11
C THR G 22 21.22 47.58 -12.29
N ILE G 23 21.58 46.34 -11.99
CA ILE G 23 21.92 45.38 -13.03
C ILE G 23 20.67 45.10 -13.88
N GLU G 24 19.51 45.26 -13.24
CA GLU G 24 18.22 45.06 -13.90
C GLU G 24 17.75 46.35 -14.54
N GLY G 25 18.66 47.32 -14.64
CA GLY G 25 18.39 48.57 -15.33
C GLY G 25 17.78 49.70 -14.51
N GLU G 26 17.25 49.36 -13.34
CA GLU G 26 16.57 50.34 -12.50
C GLU G 26 17.51 51.43 -11.96
N ASP G 27 16.99 52.64 -11.83
CA ASP G 27 17.76 53.75 -11.26
C ASP G 27 17.64 53.79 -9.74
N ILE G 28 18.77 53.59 -9.08
CA ILE G 28 18.88 53.46 -7.63
C ILE G 28 19.68 54.61 -7.00
N SER G 29 19.40 54.90 -5.74
CA SER G 29 20.27 55.79 -4.98
C SER G 29 20.60 55.17 -3.63
N ILE G 30 21.67 55.66 -3.01
CA ILE G 30 22.10 55.17 -1.71
C ILE G 30 22.64 56.33 -0.88
N PRO G 31 21.88 56.78 0.14
CA PRO G 31 20.61 56.24 0.65
C PRO G 31 19.45 56.60 -0.26
N ASN G 32 18.28 56.05 0.01
N ASN G 32 18.29 56.04 0.02
CA ASN G 32 17.11 56.34 -0.82
CA ASN G 32 17.11 56.33 -0.79
C ASN G 32 16.32 57.53 -0.34
C ASN G 32 16.37 57.58 -0.32
N LYS G 33 15.89 58.35 -1.29
CA LYS G 33 15.11 59.54 -1.02
C LYS G 33 13.96 59.25 -0.05
N GLY G 34 13.93 59.98 1.05
CA GLY G 34 12.89 59.80 2.06
C GLY G 34 12.53 58.35 2.31
N GLN G 35 13.53 57.52 2.57
CA GLN G 35 13.30 56.10 2.79
C GLN G 35 14.54 55.45 3.37
N LYS G 36 14.32 54.41 4.16
CA LYS G 36 15.40 53.69 4.82
C LYS G 36 16.00 52.67 3.85
N THR G 37 17.29 52.37 4.02
CA THR G 37 17.99 51.48 3.09
C THR G 37 18.75 50.33 3.77
N ILE G 38 18.52 49.11 3.28
CA ILE G 38 19.40 48.00 3.62
C ILE G 38 20.45 47.77 2.51
N LEU G 39 21.70 48.02 2.87
CA LEU G 39 22.82 47.89 1.95
C LEU G 39 23.60 46.60 2.23
N HIS G 40 23.78 45.78 1.20
CA HIS G 40 24.45 44.49 1.35
C HIS G 40 25.62 44.31 0.40
N PHE G 41 26.76 43.87 0.92
CA PHE G 41 27.98 43.67 0.11
C PHE G 41 28.35 42.21 -0.06
N TRP G 42 28.64 41.81 -1.29
CA TRP G 42 28.93 40.39 -1.58
C TRP G 42 29.72 40.12 -2.86
N THR G 43 30.21 38.89 -2.99
CA THR G 43 30.73 38.36 -4.26
C THR G 43 30.12 36.99 -4.47
N SER G 44 30.20 36.50 -5.70
CA SER G 44 29.59 35.21 -6.04
C SER G 44 30.36 34.01 -5.48
N TRP G 45 31.67 34.16 -5.33
CA TRP G 45 32.50 33.05 -4.90
C TRP G 45 32.63 32.97 -3.39
N CYS G 46 32.31 34.06 -2.71
N CYS G 46 32.33 34.06 -2.71
CA CYS G 46 32.36 34.11 -1.26
CA CYS G 46 32.41 34.08 -1.26
C CYS G 46 31.44 33.03 -0.69
C CYS G 46 31.46 33.05 -0.69
N PRO G 47 32.01 32.03 -0.01
CA PRO G 47 31.20 30.93 0.55
C PRO G 47 30.04 31.37 1.44
N PRO G 48 30.27 32.28 2.41
CA PRO G 48 29.15 32.73 3.27
C PRO G 48 28.09 33.56 2.53
N CYS G 49 28.52 34.33 1.53
N CYS G 49 28.53 34.34 1.55
CA CYS G 49 27.62 35.14 0.72
CA CYS G 49 27.62 35.13 0.71
C CYS G 49 26.74 34.23 -0.14
C CYS G 49 26.73 34.20 -0.10
N LYS G 50 27.37 33.25 -0.77
CA LYS G 50 26.69 32.29 -1.63
C LYS G 50 25.49 31.62 -0.97
N LYS G 51 25.66 31.11 0.24
CA LYS G 51 24.53 30.47 0.92
C LYS G 51 23.59 31.48 1.59
N GLU G 52 24.01 32.74 1.66
CA GLU G 52 23.18 33.80 2.24
C GLU G 52 22.30 34.50 1.19
N LEU G 53 22.69 34.40 -0.08
CA LEU G 53 21.96 35.05 -1.15
C LEU G 53 20.48 34.66 -1.24
N PRO G 54 20.17 33.36 -1.01
CA PRO G 54 18.78 32.91 -1.01
C PRO G 54 17.96 33.59 0.08
N GLN G 55 18.66 33.99 1.14
CA GLN G 55 18.06 34.66 2.29
C GLN G 55 17.58 36.05 1.90
N PHE G 56 18.36 36.70 1.04
CA PHE G 56 18.00 38.03 0.53
C PHE G 56 16.92 37.94 -0.55
N GLN G 57 16.95 36.88 -1.34
CA GLN G 57 15.90 36.65 -2.33
C GLN G 57 14.56 36.42 -1.63
N SER G 58 14.56 35.54 -0.62
CA SER G 58 13.37 35.24 0.18
C SER G 58 12.78 36.48 0.84
N PHE G 59 13.64 37.25 1.52
CA PHE G 59 13.22 38.51 2.15
C PHE G 59 12.63 39.51 1.14
N TYR G 60 13.32 39.68 0.02
CA TYR G 60 12.84 40.55 -1.06
C TYR G 60 11.48 40.11 -1.64
N ASP G 61 11.30 38.80 -1.81
CA ASP G 61 10.08 38.25 -2.35
C ASP G 61 8.91 38.46 -1.40
N ALA G 62 9.19 38.39 -0.10
CA ALA G 62 8.15 38.56 0.91
C ALA G 62 7.76 40.03 1.09
N HIS G 63 8.67 40.93 0.72
CA HIS G 63 8.41 42.37 0.78
C HIS G 63 7.75 42.85 2.08
N PRO G 64 8.45 42.68 3.21
CA PRO G 64 7.90 43.09 4.52
C PRO G 64 7.57 44.58 4.59
N SER G 65 8.45 45.44 4.09
CA SER G 65 8.27 46.88 4.26
C SER G 65 8.22 47.69 2.96
N ASP G 66 7.47 48.79 3.00
CA ASP G 66 7.41 49.73 1.90
C ASP G 66 8.29 50.93 2.20
N SER G 67 8.68 51.06 3.47
CA SER G 67 9.49 52.19 3.90
C SER G 67 10.98 51.83 4.02
N VAL G 68 11.34 50.64 3.55
CA VAL G 68 12.73 50.19 3.56
C VAL G 68 13.13 49.65 2.20
N LYS G 69 14.28 50.11 1.70
CA LYS G 69 14.72 49.77 0.37
C LYS G 69 15.96 48.87 0.46
N LEU G 70 15.89 47.71 -0.18
CA LEU G 70 17.05 46.85 -0.29
C LEU G 70 17.88 47.16 -1.53
N VAL G 71 19.11 47.62 -1.32
CA VAL G 71 20.07 47.65 -2.41
C VAL G 71 21.32 46.81 -2.10
N THR G 72 21.73 46.08 -3.11
CA THR G 72 22.74 45.05 -2.99
C THR G 72 23.93 45.41 -3.86
N VAL G 73 25.14 45.26 -3.32
CA VAL G 73 26.34 45.67 -4.04
C VAL G 73 27.29 44.51 -4.31
N ASN G 74 27.47 44.18 -5.59
CA ASN G 74 28.47 43.19 -5.97
C ASN G 74 29.84 43.85 -6.08
N LEU G 75 30.85 43.22 -5.50
CA LEU G 75 32.21 43.71 -5.58
C LEU G 75 32.85 43.12 -6.82
N VAL G 76 32.51 43.69 -7.97
CA VAL G 76 32.83 43.09 -9.25
C VAL G 76 34.34 43.00 -9.50
N ASN G 77 35.09 43.97 -8.96
CA ASN G 77 36.54 43.97 -9.14
C ASN G 77 37.22 42.87 -8.32
N SER G 78 36.44 42.18 -7.50
CA SER G 78 36.93 41.01 -6.78
C SER G 78 36.39 39.75 -7.43
N GLU G 79 35.88 39.90 -8.65
CA GLU G 79 35.33 38.79 -9.41
C GLU G 79 36.21 38.50 -10.62
N GLN G 80 36.05 37.31 -11.20
CA GLN G 80 36.76 36.97 -12.43
C GLN G 80 36.60 38.12 -13.41
N ASN G 81 35.35 38.42 -13.73
CA ASN G 81 34.99 39.56 -14.57
C ASN G 81 33.50 39.84 -14.41
N GLN G 82 32.99 40.81 -15.15
CA GLN G 82 31.59 41.21 -15.01
C GLN G 82 30.61 40.19 -15.61
N GLN G 83 31.01 39.56 -16.71
CA GLN G 83 30.16 38.54 -17.33
C GLN G 83 29.88 37.38 -16.38
N VAL G 84 30.90 36.96 -15.65
CA VAL G 84 30.76 35.91 -14.65
C VAL G 84 29.67 36.22 -13.63
N VAL G 85 29.68 37.45 -13.12
CA VAL G 85 28.64 37.91 -12.21
C VAL G 85 27.28 37.83 -12.92
N GLU G 86 27.18 38.46 -14.08
CA GLU G 86 25.99 38.38 -14.92
C GLU G 86 25.43 36.96 -14.96
N ASP G 87 26.28 36.00 -15.33
CA ASP G 87 25.85 34.61 -15.45
C ASP G 87 25.37 34.06 -14.12
N PHE G 88 26.10 34.39 -13.06
CA PHE G 88 25.76 33.95 -11.72
C PHE G 88 24.37 34.44 -11.31
N ILE G 89 24.15 35.74 -11.48
CA ILE G 89 22.86 36.33 -11.14
C ILE G 89 21.74 35.63 -11.90
N LYS G 90 21.96 35.50 -13.20
CA LYS G 90 20.99 34.87 -14.09
C LYS G 90 20.73 33.44 -13.66
N ALA G 91 21.78 32.65 -13.55
CA ALA G 91 21.67 31.23 -13.17
C ALA G 91 21.00 31.00 -11.81
N ASN G 92 21.26 31.88 -10.84
CA ASN G 92 20.69 31.73 -9.50
C ASN G 92 19.38 32.47 -9.35
N LYS G 93 18.90 33.04 -10.45
CA LYS G 93 17.62 33.74 -10.48
C LYS G 93 17.49 34.78 -9.36
N LEU G 94 18.56 35.54 -9.19
CA LEU G 94 18.60 36.64 -8.22
C LEU G 94 17.86 37.85 -8.79
N THR G 95 16.84 38.30 -8.06
CA THR G 95 15.91 39.31 -8.56
C THR G 95 15.92 40.64 -7.78
N PHE G 96 16.53 40.66 -6.61
CA PHE G 96 16.65 41.89 -5.83
C PHE G 96 17.61 42.85 -6.54
N PRO G 97 17.59 44.13 -6.13
CA PRO G 97 18.47 45.13 -6.78
C PRO G 97 19.97 44.83 -6.59
N ILE G 98 20.70 44.69 -7.69
CA ILE G 98 22.14 44.49 -7.63
C ILE G 98 22.87 45.60 -8.33
N VAL G 99 23.82 46.20 -7.62
CA VAL G 99 24.67 47.24 -8.17
C VAL G 99 26.10 46.70 -8.21
N LEU G 100 26.80 46.98 -9.30
CA LEU G 100 28.20 46.61 -9.45
C LEU G 100 29.09 47.76 -8.99
N ASP G 101 29.99 47.47 -8.04
CA ASP G 101 30.95 48.47 -7.56
C ASP G 101 32.16 48.58 -8.49
N SER G 102 31.92 49.04 -9.71
CA SER G 102 32.95 49.07 -10.76
C SER G 102 34.11 50.01 -10.47
N LYS G 103 33.81 51.16 -9.88
CA LYS G 103 34.85 52.13 -9.55
C LYS G 103 35.39 51.98 -8.14
N GLY G 104 34.78 51.10 -7.34
CA GLY G 104 35.28 50.84 -6.00
C GLY G 104 34.97 51.90 -4.96
N GLU G 105 34.03 52.79 -5.29
CA GLU G 105 33.69 53.89 -4.41
C GLU G 105 32.82 53.46 -3.24
N LEU G 106 31.93 52.52 -3.50
CA LEU G 106 31.10 51.96 -2.44
C LEU G 106 31.94 51.26 -1.36
N LYS G 108 35.01 51.64 -0.80
CA LYS G 108 35.84 52.66 -0.19
C LYS G 108 35.06 53.47 0.85
N GLU G 109 33.88 53.93 0.46
CA GLU G 109 33.04 54.81 1.29
C GLU G 109 32.55 54.12 2.56
N TYR G 110 32.32 52.82 2.48
CA TYR G 110 31.80 52.08 3.63
C TYR G 110 32.89 51.24 4.30
N HIS G 111 34.13 51.47 3.88
CA HIS G 111 35.30 50.83 4.47
C HIS G 111 35.12 49.32 4.55
N ILE G 112 34.74 48.71 3.44
CA ILE G 112 34.45 47.30 3.41
C ILE G 112 35.74 46.49 3.33
N ILE G 113 35.96 45.66 4.36
CA ILE G 113 37.11 44.75 4.42
C ILE G 113 36.63 43.31 4.55
N THR G 114 35.39 43.15 4.95
CA THR G 114 34.83 41.82 5.16
C THR G 114 33.54 41.67 4.37
N ILE G 115 33.30 40.47 3.86
CA ILE G 115 32.01 40.13 3.28
C ILE G 115 31.55 38.77 3.75
N PRO G 116 30.24 38.61 3.99
CA PRO G 116 29.19 39.60 3.75
C PRO G 116 29.19 40.70 4.80
N THR G 117 28.76 41.89 4.40
CA THR G 117 28.52 43.00 5.32
C THR G 117 27.20 43.67 4.93
N SER G 118 26.37 43.99 5.92
CA SER G 118 25.08 44.63 5.68
C SER G 118 24.88 45.81 6.62
N PHE G 119 24.29 46.88 6.11
CA PHE G 119 24.01 48.07 6.92
C PHE G 119 22.54 48.42 6.85
N LEU G 120 22.05 49.04 7.90
CA LEU G 120 20.73 49.67 7.91
C LEU G 120 20.99 51.17 7.95
N LEU G 121 20.62 51.87 6.89
CA LEU G 121 20.81 53.33 6.82
C LEU G 121 19.47 54.02 6.97
N ASN G 122 19.47 55.19 7.61
CA ASN G 122 18.27 56.02 7.61
C ASN G 122 18.24 56.91 6.37
N GLU G 123 17.23 57.78 6.28
CA GLU G 123 17.05 58.61 5.10
C GLU G 123 18.21 59.57 4.91
N LYS G 124 19.01 59.76 5.95
CA LYS G 124 20.12 60.71 5.89
C LYS G 124 21.42 60.02 5.57
N GLY G 125 21.36 58.70 5.39
CA GLY G 125 22.55 57.94 5.06
C GLY G 125 23.41 57.59 6.25
N GLU G 126 22.87 57.81 7.45
CA GLU G 126 23.55 57.45 8.68
C GLU G 126 23.37 55.96 8.96
N ILE G 127 24.42 55.33 9.49
CA ILE G 127 24.39 53.90 9.77
C ILE G 127 23.77 53.59 11.11
N GLU G 128 22.59 52.95 11.09
CA GLU G 128 21.88 52.53 12.30
C GLU G 128 22.32 51.14 12.77
N LYS G 129 22.47 50.21 11.84
CA LYS G 129 22.92 48.86 12.16
C LYS G 129 24.03 48.43 11.20
N THR G 130 25.00 47.70 11.72
CA THR G 130 26.05 47.07 10.91
C THR G 130 26.12 45.58 11.26
N LYS G 131 26.14 44.73 10.25
CA LYS G 131 26.18 43.30 10.46
C LYS G 131 27.29 42.73 9.58
N ILE G 132 28.30 42.17 10.22
CA ILE G 132 29.37 41.48 9.52
C ILE G 132 29.15 39.98 9.62
N GLY G 133 29.05 39.31 8.47
CA GLY G 133 28.71 37.90 8.45
C GLY G 133 27.29 37.70 7.96
N PRO G 134 26.90 36.44 7.74
CA PRO G 134 25.59 36.07 7.17
C PRO G 134 24.39 36.48 8.01
N THR G 136 19.78 36.23 8.14
CA THR G 136 18.62 35.46 7.73
C THR G 136 17.54 36.40 7.24
N ALA G 137 16.61 35.86 6.46
CA ALA G 137 15.46 36.60 6.00
C ALA G 137 14.70 37.19 7.18
N GLU G 138 14.79 36.52 8.32
CA GLU G 138 14.08 36.95 9.52
C GLU G 138 14.75 38.15 10.17
N GLN G 139 16.07 38.15 10.22
CA GLN G 139 16.82 39.26 10.77
C GLN G 139 16.66 40.48 9.89
N LEU G 140 16.59 40.25 8.58
CA LEU G 140 16.32 41.31 7.61
C LEU G 140 14.95 41.93 7.84
N LYS G 141 13.97 41.08 8.09
CA LYS G 141 12.61 41.55 8.38
C LYS G 141 12.59 42.38 9.67
N GLU G 142 13.34 41.93 10.68
CA GLU G 142 13.41 42.65 11.94
C GLU G 142 14.00 44.04 11.75
N TRP G 143 14.99 44.13 10.87
CA TRP G 143 15.62 45.40 10.55
C TRP G 143 14.59 46.34 9.94
N THR G 144 13.53 45.74 9.42
CA THR G 144 12.45 46.46 8.77
C THR G 144 11.45 47.01 9.79
N GLU G 145 11.36 46.35 10.94
CA GLU G 145 10.38 46.70 11.96
C GLU G 145 10.81 47.91 12.78
#